data_3IJ5
#
_entry.id   3IJ5
#
_cell.length_a   130.597
_cell.length_b   77.941
_cell.length_c   96.881
_cell.angle_alpha   90.00
_cell.angle_beta   120.05
_cell.angle_gamma   90.00
#
_symmetry.space_group_name_H-M   'C 1 2 1'
#
loop_
_entity.id
_entity.type
_entity.pdbx_description
1 polymer '3-deoxy-D-manno-octulosonate 8-phosphate phosphatase'
2 non-polymer 'CHLORIDE ION'
3 water water
#
_entity_poly.entity_id   1
_entity_poly.type   'polypeptide(L)'
_entity_poly.pdbx_seq_one_letter_code
;MHHHHHHSSGVDLGTENLYFQSNAMSNTAYIDTCYGPVADDVIQRAANIRLLICDVDGVMSDGLIYMGNQGEELKAFNVR
DGYGIRCLITSDIDVAIITGRRAKLLEDRANTLGITHLYQGQSDKLVAYHELLATLQCQPEQVAYIGDDLIDWPVMAQVG
LSVAVADAHPLLLPKAHYVTRIKGGRGAVREVCDLILLAQDKLEGATGLSI
;
_entity_poly.pdbx_strand_id   A,B,C,D
#
loop_
_chem_comp.id
_chem_comp.type
_chem_comp.name
_chem_comp.formula
CL non-polymer 'CHLORIDE ION' 'Cl -1'
#
# COMPACT_ATOMS: atom_id res chain seq x y z
N ASN A 27 3.70 37.95 -11.60
CA ASN A 27 3.37 38.10 -10.15
C ASN A 27 2.01 37.49 -9.80
N THR A 28 1.86 36.20 -10.03
CA THR A 28 0.61 35.50 -9.72
C THR A 28 0.31 35.62 -8.22
N ALA A 29 -0.97 35.80 -7.89
CA ALA A 29 -1.37 35.87 -6.50
C ALA A 29 -1.80 34.47 -6.07
N TYR A 30 -1.42 34.10 -4.84
CA TYR A 30 -1.75 32.80 -4.28
C TYR A 30 -2.36 32.98 -2.91
N ILE A 31 -3.11 31.96 -2.51
N ILE A 31 -3.15 32.01 -2.47
CA ILE A 31 -3.79 31.92 -1.23
CA ILE A 31 -3.68 32.08 -1.13
C ILE A 31 -3.28 30.71 -0.46
C ILE A 31 -3.27 30.78 -0.46
N ASP A 32 -2.93 30.88 0.82
CA ASP A 32 -2.51 29.72 1.61
C ASP A 32 -3.73 28.85 1.84
N THR A 33 -3.53 27.52 1.79
CA THR A 33 -4.59 26.56 2.09
C THR A 33 -3.87 25.54 2.96
N CYS A 34 -4.61 24.62 3.54
CA CYS A 34 -3.99 23.60 4.37
C CYS A 34 -3.17 22.58 3.57
N TYR A 35 -3.21 22.68 2.23
CA TYR A 35 -2.41 21.81 1.36
C TYR A 35 -1.26 22.57 0.71
N GLY A 36 -1.14 23.85 1.04
CA GLY A 36 -0.10 24.72 0.47
C GLY A 36 -0.76 25.80 -0.39
N PRO A 37 0.06 26.69 -0.99
CA PRO A 37 -0.48 27.77 -1.82
C PRO A 37 -1.29 27.30 -3.04
N VAL A 38 -2.37 28.02 -3.31
CA VAL A 38 -3.22 27.75 -4.44
C VAL A 38 -3.41 29.06 -5.18
N ALA A 39 -3.18 29.03 -6.49
CA ALA A 39 -3.32 30.22 -7.32
C ALA A 39 -4.73 30.79 -7.26
N ASP A 40 -4.83 32.12 -7.26
CA ASP A 40 -6.11 32.81 -7.22
C ASP A 40 -7.03 32.37 -8.36
N ASP A 41 -6.46 32.15 -9.55
CA ASP A 41 -7.22 31.68 -10.72
C ASP A 41 -7.94 30.37 -10.39
N VAL A 42 -7.24 29.47 -9.70
CA VAL A 42 -7.81 28.19 -9.29
C VAL A 42 -8.93 28.41 -8.26
N ILE A 43 -8.70 29.30 -7.29
CA ILE A 43 -9.71 29.61 -6.28
C ILE A 43 -10.97 30.17 -6.95
N GLN A 44 -10.77 31.08 -7.92
CA GLN A 44 -11.88 31.68 -8.65
C GLN A 44 -12.67 30.64 -9.42
N ARG A 45 -11.96 29.69 -10.04
CA ARG A 45 -12.64 28.60 -10.76
C ARG A 45 -13.43 27.73 -9.79
N ALA A 46 -12.81 27.38 -8.65
CA ALA A 46 -13.46 26.55 -7.64
C ALA A 46 -14.72 27.17 -7.05
N ALA A 47 -14.75 28.51 -6.99
CA ALA A 47 -15.90 29.22 -6.43
C ALA A 47 -17.19 29.08 -7.26
N ASN A 48 -17.06 28.70 -8.53
N ASN A 48 -17.03 28.69 -8.51
CA ASN A 48 -18.22 28.56 -9.42
CA ASN A 48 -18.16 28.57 -9.44
C ASN A 48 -18.77 27.14 -9.53
C ASN A 48 -18.70 27.14 -9.61
N ILE A 49 -18.09 26.18 -8.91
CA ILE A 49 -18.48 24.77 -9.02
C ILE A 49 -19.82 24.35 -8.39
N ARG A 50 -20.68 23.72 -9.22
CA ARG A 50 -21.98 23.19 -8.79
C ARG A 50 -21.99 21.67 -8.97
N LEU A 51 -21.01 21.16 -9.70
CA LEU A 51 -20.90 19.72 -9.94
C LEU A 51 -19.45 19.25 -9.99
N LEU A 52 -19.15 18.22 -9.20
CA LEU A 52 -17.82 17.60 -9.18
C LEU A 52 -17.95 16.22 -9.83
N ILE A 53 -17.17 15.95 -10.87
CA ILE A 53 -17.17 14.65 -11.53
C ILE A 53 -15.85 13.96 -11.23
N CYS A 54 -15.91 12.71 -10.78
CA CYS A 54 -14.69 12.00 -10.48
C CYS A 54 -14.53 10.74 -11.27
N ASP A 55 -13.28 10.48 -11.69
CA ASP A 55 -12.94 9.21 -12.28
C ASP A 55 -12.78 8.36 -10.99
N VAL A 56 -12.68 7.04 -11.12
CA VAL A 56 -12.55 6.19 -9.94
C VAL A 56 -11.16 5.61 -9.71
N ASP A 57 -10.74 4.75 -10.63
CA ASP A 57 -9.48 4.04 -10.52
C ASP A 57 -8.33 5.02 -10.69
N GLY A 58 -7.54 5.17 -9.63
CA GLY A 58 -6.41 6.12 -9.67
C GLY A 58 -6.74 7.49 -9.07
N VAL A 59 -8.02 7.72 -8.79
CA VAL A 59 -8.50 8.98 -8.22
C VAL A 59 -9.08 8.69 -6.82
N MET A 60 -10.08 7.83 -6.75
CA MET A 60 -10.66 7.42 -5.47
C MET A 60 -9.87 6.24 -4.89
N SER A 61 -9.00 5.66 -5.72
CA SER A 61 -8.16 4.53 -5.31
C SER A 61 -6.77 4.77 -5.87
N ASP A 62 -5.81 3.94 -5.46
CA ASP A 62 -4.46 4.09 -5.98
C ASP A 62 -4.28 3.39 -7.35
N GLY A 63 -5.39 3.01 -7.97
CA GLY A 63 -5.36 2.39 -9.31
C GLY A 63 -5.31 0.88 -9.36
N LEU A 64 -5.33 0.24 -8.19
CA LEU A 64 -5.29 -1.22 -8.10
C LEU A 64 -6.65 -1.88 -8.19
N ILE A 65 -6.69 -3.05 -8.83
CA ILE A 65 -7.88 -3.90 -8.99
C ILE A 65 -7.48 -5.25 -8.36
N TYR A 66 -8.16 -5.67 -7.30
CA TYR A 66 -7.85 -6.96 -6.63
C TYR A 66 -8.75 -8.03 -7.23
N MET A 67 -8.15 -9.10 -7.74
CA MET A 67 -8.92 -10.17 -8.36
C MET A 67 -8.56 -11.51 -7.74
N GLY A 68 -9.55 -12.36 -7.55
CA GLY A 68 -9.35 -13.69 -6.95
C GLY A 68 -9.70 -14.87 -7.85
N ASN A 69 -9.34 -16.07 -7.40
CA ASN A 69 -9.57 -17.31 -8.16
C ASN A 69 -11.03 -17.73 -8.41
N GLN A 70 -11.97 -17.27 -7.58
N GLN A 70 -11.92 -17.24 -7.55
CA GLN A 70 -13.38 -17.61 -7.86
CA GLN A 70 -13.36 -17.51 -7.68
C GLN A 70 -14.10 -16.42 -8.48
C GLN A 70 -14.07 -16.30 -8.28
N GLY A 71 -13.31 -15.50 -9.03
CA GLY A 71 -13.85 -14.31 -9.68
C GLY A 71 -14.17 -13.15 -8.75
N GLU A 72 -13.67 -13.20 -7.50
N GLU A 72 -13.73 -13.22 -7.49
CA GLU A 72 -13.92 -12.12 -6.57
CA GLU A 72 -14.00 -12.10 -6.60
C GLU A 72 -13.21 -10.89 -7.10
C GLU A 72 -13.20 -10.89 -7.06
N GLU A 73 -13.70 -9.72 -6.71
CA GLU A 73 -13.06 -8.44 -7.08
C GLU A 73 -13.22 -7.47 -5.92
N LEU A 74 -12.13 -6.81 -5.55
CA LEU A 74 -12.18 -5.81 -4.50
C LEU A 74 -11.57 -4.51 -5.02
N LYS A 75 -12.03 -3.41 -4.46
CA LYS A 75 -11.42 -2.08 -4.75
C LYS A 75 -11.34 -1.38 -3.38
N ALA A 76 -10.28 -0.60 -3.16
CA ALA A 76 -10.12 0.08 -1.89
C ALA A 76 -10.45 1.56 -2.04
N PHE A 77 -11.33 2.05 -1.18
CA PHE A 77 -11.73 3.47 -1.17
C PHE A 77 -11.19 4.13 0.11
N ASN A 78 -11.05 5.44 0.07
CA ASN A 78 -10.49 6.18 1.19
C ASN A 78 -11.60 6.84 2.00
N VAL A 79 -11.60 6.60 3.31
N VAL A 79 -11.65 6.61 3.32
CA VAL A 79 -12.59 7.16 4.22
CA VAL A 79 -12.72 7.23 4.12
C VAL A 79 -12.64 8.70 4.22
C VAL A 79 -12.68 8.75 4.13
N ARG A 80 -11.49 9.34 4.14
CA ARG A 80 -11.42 10.80 4.14
C ARG A 80 -12.05 11.42 2.89
N ASP A 81 -11.97 10.70 1.76
CA ASP A 81 -12.60 11.15 0.52
C ASP A 81 -14.11 11.10 0.73
N GLY A 82 -14.57 10.03 1.37
CA GLY A 82 -15.99 9.86 1.63
C GLY A 82 -16.57 11.03 2.38
N TYR A 83 -15.84 11.49 3.39
CA TYR A 83 -16.25 12.63 4.18
C TYR A 83 -16.35 13.90 3.32
N GLY A 84 -15.36 14.11 2.45
CA GLY A 84 -15.35 15.26 1.56
C GLY A 84 -16.55 15.26 0.63
N ILE A 85 -16.84 14.08 0.07
CA ILE A 85 -17.97 13.90 -0.84
C ILE A 85 -19.29 14.21 -0.13
N ARG A 86 -19.44 13.72 1.10
N ARG A 86 -19.44 13.73 1.10
CA ARG A 86 -20.65 14.01 1.88
CA ARG A 86 -20.66 14.00 1.87
C ARG A 86 -20.81 15.50 2.13
C ARG A 86 -20.81 15.50 2.16
N CYS A 87 -19.70 16.18 2.43
CA CYS A 87 -19.72 17.64 2.68
C CYS A 87 -20.21 18.37 1.44
N LEU A 88 -19.73 17.97 0.28
CA LEU A 88 -20.18 18.62 -0.96
C LEU A 88 -21.68 18.42 -1.15
N ILE A 89 -22.11 17.16 -1.13
CA ILE A 89 -23.52 16.82 -1.30
C ILE A 89 -24.43 17.55 -0.31
N THR A 90 -24.04 17.57 0.97
CA THR A 90 -24.86 18.25 1.97
C THR A 90 -24.79 19.78 1.81
N SER A 91 -23.84 20.26 1.00
CA SER A 91 -23.71 21.69 0.75
C SER A 91 -24.28 22.07 -0.61
N ASP A 92 -25.15 21.20 -1.15
CA ASP A 92 -25.81 21.45 -2.44
C ASP A 92 -24.91 21.41 -3.68
N ILE A 93 -23.82 20.66 -3.61
CA ILE A 93 -22.91 20.52 -4.74
C ILE A 93 -22.97 19.05 -5.17
N ASP A 94 -23.50 18.80 -6.36
CA ASP A 94 -23.61 17.43 -6.87
C ASP A 94 -22.25 16.76 -7.12
N VAL A 95 -22.20 15.45 -6.88
CA VAL A 95 -21.01 14.64 -7.10
C VAL A 95 -21.41 13.47 -8.00
N ALA A 96 -20.67 13.30 -9.10
CA ALA A 96 -20.94 12.25 -10.07
C ALA A 96 -19.68 11.46 -10.36
N ILE A 97 -19.87 10.25 -10.87
CA ILE A 97 -18.76 9.35 -11.20
C ILE A 97 -18.87 8.87 -12.65
N ILE A 98 -17.75 8.92 -13.36
CA ILE A 98 -17.71 8.41 -14.72
C ILE A 98 -16.48 7.48 -14.78
N THR A 99 -16.72 6.22 -15.06
CA THR A 99 -15.62 5.24 -15.11
C THR A 99 -15.76 4.27 -16.29
N GLY A 100 -14.62 3.79 -16.78
CA GLY A 100 -14.59 2.84 -17.90
C GLY A 100 -14.88 1.41 -17.44
N ARG A 101 -14.68 1.15 -16.16
CA ARG A 101 -14.94 -0.18 -15.57
C ARG A 101 -16.39 -0.35 -15.07
N ARG A 102 -16.75 -1.56 -14.68
CA ARG A 102 -18.10 -1.83 -14.19
C ARG A 102 -18.06 -2.87 -13.07
N ALA A 103 -18.55 -2.49 -11.89
CA ALA A 103 -18.58 -3.42 -10.75
C ALA A 103 -19.67 -3.08 -9.76
N LYS A 104 -20.35 -4.12 -9.24
CA LYS A 104 -21.40 -3.97 -8.23
C LYS A 104 -20.85 -3.24 -7.00
N LEU A 105 -19.60 -3.53 -6.65
CA LEU A 105 -18.94 -2.90 -5.48
C LEU A 105 -18.93 -1.36 -5.57
N LEU A 106 -18.86 -0.83 -6.79
CA LEU A 106 -18.85 0.62 -6.98
C LEU A 106 -20.26 1.18 -6.79
N GLU A 107 -21.27 0.43 -7.22
CA GLU A 107 -22.66 0.85 -7.01
C GLU A 107 -22.86 0.94 -5.50
N ASP A 108 -22.38 -0.07 -4.78
CA ASP A 108 -22.49 -0.11 -3.30
C ASP A 108 -21.83 1.13 -2.70
N ARG A 109 -20.61 1.41 -3.13
CA ARG A 109 -19.86 2.57 -2.65
C ARG A 109 -20.61 3.87 -2.95
N ALA A 110 -21.09 4.02 -4.19
CA ALA A 110 -21.85 5.21 -4.55
C ALA A 110 -23.07 5.37 -3.63
N ASN A 111 -23.78 4.28 -3.40
CA ASN A 111 -24.97 4.31 -2.53
C ASN A 111 -24.66 4.79 -1.12
N THR A 112 -23.55 4.31 -0.54
CA THR A 112 -23.17 4.73 0.82
C THR A 112 -22.84 6.21 0.90
N LEU A 113 -22.38 6.78 -0.22
CA LEU A 113 -22.02 8.20 -0.29
C LEU A 113 -23.17 9.09 -0.71
N GLY A 114 -24.28 8.48 -1.11
CA GLY A 114 -25.43 9.26 -1.55
C GLY A 114 -25.26 9.78 -2.98
N ILE A 115 -24.34 9.19 -3.74
CA ILE A 115 -24.13 9.56 -5.15
C ILE A 115 -25.19 8.88 -6.01
N THR A 116 -25.98 9.67 -6.75
CA THR A 116 -26.99 9.08 -7.61
C THR A 116 -26.60 9.09 -9.09
N HIS A 117 -25.57 9.86 -9.44
CA HIS A 117 -25.14 9.95 -10.83
C HIS A 117 -23.87 9.15 -11.05
N LEU A 118 -24.06 7.87 -11.37
CA LEU A 118 -22.98 6.94 -11.58
C LEU A 118 -23.00 6.38 -13.01
N TYR A 119 -21.89 6.56 -13.72
CA TYR A 119 -21.77 6.06 -15.09
C TYR A 119 -20.61 5.06 -15.16
N GLN A 120 -20.93 3.79 -15.37
CA GLN A 120 -19.92 2.74 -15.47
C GLN A 120 -19.84 2.18 -16.88
N GLY A 121 -18.73 1.51 -17.17
CA GLY A 121 -18.51 0.91 -18.49
C GLY A 121 -18.49 1.92 -19.63
N GLN A 122 -18.08 3.16 -19.33
CA GLN A 122 -18.04 4.22 -20.34
C GLN A 122 -16.70 4.26 -21.08
N SER A 123 -16.74 4.05 -22.40
CA SER A 123 -15.52 4.10 -23.21
C SER A 123 -15.20 5.54 -23.64
N ASP A 124 -16.24 6.32 -23.95
CA ASP A 124 -16.11 7.71 -24.35
C ASP A 124 -16.77 8.51 -23.23
N LYS A 125 -15.95 9.18 -22.42
CA LYS A 125 -16.50 9.93 -21.28
C LYS A 125 -17.30 11.19 -21.59
N LEU A 126 -17.18 11.71 -22.81
CA LEU A 126 -17.93 12.92 -23.23
C LEU A 126 -19.43 12.70 -23.25
N VAL A 127 -19.87 11.49 -23.58
CA VAL A 127 -21.30 11.17 -23.64
C VAL A 127 -21.96 11.35 -22.28
N ALA A 128 -21.38 10.72 -21.26
CA ALA A 128 -21.87 10.82 -19.87
C ALA A 128 -21.78 12.28 -19.41
N TYR A 129 -20.67 12.94 -19.73
CA TYR A 129 -20.49 14.34 -19.39
C TYR A 129 -21.58 15.24 -19.97
N HIS A 130 -21.88 15.08 -21.27
CA HIS A 130 -22.92 15.93 -21.88
C HIS A 130 -24.30 15.63 -21.30
N GLU A 131 -24.52 14.36 -20.93
CA GLU A 131 -25.79 13.92 -20.37
C GLU A 131 -25.98 14.58 -18.98
N LEU A 132 -24.89 14.65 -18.21
CA LEU A 132 -24.90 15.30 -16.88
C LEU A 132 -25.21 16.77 -16.98
N LEU A 133 -24.57 17.45 -17.93
CA LEU A 133 -24.84 18.86 -18.13
C LEU A 133 -26.33 19.10 -18.33
N ALA A 134 -26.95 18.35 -19.25
CA ALA A 134 -28.38 18.46 -19.55
C ALA A 134 -29.26 18.04 -18.38
N THR A 135 -28.91 16.91 -17.77
CA THR A 135 -29.68 16.38 -16.64
C THR A 135 -29.74 17.35 -15.47
N LEU A 136 -28.59 17.92 -15.12
CA LEU A 136 -28.50 18.85 -14.00
C LEU A 136 -28.62 20.33 -14.38
N GLN A 137 -28.80 20.61 -15.66
N GLN A 137 -28.83 20.62 -15.67
CA GLN A 137 -28.95 21.99 -16.18
CA GLN A 137 -28.97 22.00 -16.17
C GLN A 137 -27.81 22.86 -15.66
C GLN A 137 -27.81 22.86 -15.66
N CYS A 138 -26.60 22.32 -15.83
CA CYS A 138 -25.38 22.93 -15.37
C CYS A 138 -24.55 23.40 -16.57
N GLN A 139 -23.78 24.49 -16.39
CA GLN A 139 -22.90 25.00 -17.46
C GLN A 139 -21.50 24.36 -17.28
N PRO A 140 -20.71 24.24 -18.36
CA PRO A 140 -19.38 23.63 -18.24
C PRO A 140 -18.48 24.33 -17.21
N GLU A 141 -18.53 25.65 -17.13
CA GLU A 141 -17.73 26.43 -16.17
C GLU A 141 -18.10 26.07 -14.73
N GLN A 142 -19.25 25.44 -14.55
CA GLN A 142 -19.71 25.07 -13.21
C GLN A 142 -19.33 23.65 -12.84
N VAL A 143 -18.52 23.02 -13.69
CA VAL A 143 -18.11 21.64 -13.48
C VAL A 143 -16.61 21.50 -13.18
N ALA A 144 -16.31 20.65 -12.20
CA ALA A 144 -14.93 20.33 -11.87
C ALA A 144 -14.78 18.84 -12.20
N TYR A 145 -13.59 18.44 -12.64
CA TYR A 145 -13.37 17.04 -12.99
C TYR A 145 -12.01 16.61 -12.48
N ILE A 146 -11.97 15.52 -11.72
CA ILE A 146 -10.71 14.98 -11.20
C ILE A 146 -10.37 13.72 -11.97
N GLY A 147 -9.24 13.75 -12.71
CA GLY A 147 -8.83 12.59 -13.50
C GLY A 147 -7.43 12.11 -13.19
N ASP A 148 -7.05 10.99 -13.80
CA ASP A 148 -5.73 10.44 -13.58
C ASP A 148 -5.05 9.92 -14.85
N ASP A 149 -5.79 9.79 -15.95
CA ASP A 149 -5.17 9.25 -17.16
C ASP A 149 -5.68 9.98 -18.40
N LEU A 150 -5.12 9.65 -19.56
CA LEU A 150 -5.46 10.35 -20.82
C LEU A 150 -6.91 10.27 -21.24
N ILE A 151 -7.56 9.19 -20.85
CA ILE A 151 -8.94 8.96 -21.12
C ILE A 151 -9.81 10.07 -20.51
N ASP A 152 -9.37 10.60 -19.39
CA ASP A 152 -10.01 11.75 -18.76
C ASP A 152 -9.87 13.11 -19.46
N TRP A 153 -8.88 13.28 -20.29
CA TRP A 153 -8.61 14.58 -20.82
C TRP A 153 -9.67 15.24 -21.68
N PRO A 154 -10.36 14.50 -22.53
CA PRO A 154 -11.37 15.12 -23.37
C PRO A 154 -12.43 15.84 -22.54
N VAL A 155 -12.80 15.31 -21.41
CA VAL A 155 -13.76 16.00 -20.55
C VAL A 155 -13.08 17.15 -19.77
N MET A 156 -11.91 16.88 -19.20
CA MET A 156 -11.15 17.88 -18.43
C MET A 156 -10.87 19.15 -19.24
N ALA A 157 -10.67 18.99 -20.54
CA ALA A 157 -10.38 20.11 -21.41
C ALA A 157 -11.52 21.11 -21.54
N GLN A 158 -12.74 20.66 -21.24
N GLN A 158 -12.75 20.66 -21.26
CA GLN A 158 -13.93 21.50 -21.41
CA GLN A 158 -13.95 21.50 -21.41
C GLN A 158 -14.48 22.16 -20.13
C GLN A 158 -14.53 22.11 -20.13
N VAL A 159 -14.10 21.65 -18.96
CA VAL A 159 -14.66 22.14 -17.70
C VAL A 159 -14.05 23.37 -17.06
N GLY A 160 -14.77 23.93 -16.09
CA GLY A 160 -14.29 25.13 -15.38
C GLY A 160 -13.09 24.87 -14.49
N LEU A 161 -13.02 23.67 -13.90
CA LEU A 161 -11.89 23.30 -13.03
C LEU A 161 -11.42 21.84 -13.27
N SER A 162 -10.35 21.71 -14.06
CA SER A 162 -9.79 20.37 -14.33
C SER A 162 -8.73 20.08 -13.27
N VAL A 163 -8.78 18.87 -12.73
CA VAL A 163 -7.84 18.49 -11.69
C VAL A 163 -7.15 17.17 -12.00
N ALA A 164 -5.82 17.13 -11.90
CA ALA A 164 -5.09 15.89 -12.06
C ALA A 164 -4.54 15.50 -10.68
N VAL A 165 -4.71 14.23 -10.30
CA VAL A 165 -4.18 13.79 -9.00
C VAL A 165 -2.64 13.81 -9.06
N ALA A 166 -2.00 13.93 -7.89
CA ALA A 166 -0.53 14.02 -7.78
C ALA A 166 0.24 13.00 -8.63
N ASP A 167 -0.24 11.77 -8.60
CA ASP A 167 0.41 10.69 -9.33
C ASP A 167 -0.35 10.24 -10.59
N ALA A 168 -1.00 11.20 -11.25
CA ALA A 168 -1.69 10.93 -12.49
C ALA A 168 -0.64 10.64 -13.55
N HIS A 169 -1.06 10.11 -14.70
CA HIS A 169 -0.11 9.84 -15.78
C HIS A 169 0.64 11.14 -16.07
N PRO A 170 1.98 11.06 -16.22
CA PRO A 170 2.82 12.26 -16.45
C PRO A 170 2.34 13.22 -17.53
N LEU A 171 1.73 12.69 -18.60
CA LEU A 171 1.22 13.55 -19.68
C LEU A 171 0.00 14.39 -19.30
N LEU A 172 -0.75 13.95 -18.29
CA LEU A 172 -1.93 14.68 -17.87
C LEU A 172 -1.57 15.84 -16.93
N LEU A 173 -0.53 15.64 -16.12
CA LEU A 173 -0.09 16.64 -15.14
C LEU A 173 -0.01 18.10 -15.61
N PRO A 174 0.74 18.39 -16.70
CA PRO A 174 0.84 19.80 -17.12
C PRO A 174 -0.42 20.36 -17.76
N LYS A 175 -1.41 19.52 -18.05
CA LYS A 175 -2.64 19.98 -18.70
C LYS A 175 -3.74 20.57 -17.80
N ALA A 176 -3.81 20.08 -16.58
CA ALA A 176 -4.84 20.46 -15.62
C ALA A 176 -4.69 21.84 -14.98
N HIS A 177 -5.82 22.42 -14.56
CA HIS A 177 -5.77 23.74 -13.89
C HIS A 177 -5.08 23.61 -12.55
N TYR A 178 -5.27 22.45 -11.91
CA TYR A 178 -4.73 22.19 -10.58
C TYR A 178 -4.26 20.73 -10.45
N VAL A 179 -3.09 20.55 -9.84
CA VAL A 179 -2.55 19.21 -9.58
C VAL A 179 -2.64 19.05 -8.07
N THR A 180 -3.29 18.00 -7.59
CA THR A 180 -3.40 17.82 -6.15
C THR A 180 -2.06 17.48 -5.50
N ARG A 181 -1.94 17.82 -4.23
CA ARG A 181 -0.75 17.45 -3.49
C ARG A 181 -0.85 15.99 -3.07
N ILE A 182 -2.08 15.56 -2.79
CA ILE A 182 -2.32 14.17 -2.33
C ILE A 182 -2.51 13.19 -3.50
N LYS A 183 -1.94 12.00 -3.35
CA LYS A 183 -2.02 10.97 -4.40
C LYS A 183 -3.40 10.31 -4.47
N GLY A 184 -3.69 9.69 -5.62
CA GLY A 184 -4.93 8.98 -5.84
C GLY A 184 -5.11 7.94 -4.76
N GLY A 185 -6.31 7.85 -4.20
CA GLY A 185 -6.61 6.85 -3.15
C GLY A 185 -6.15 7.22 -1.74
N ARG A 186 -5.43 8.35 -1.61
CA ARG A 186 -4.90 8.79 -0.32
C ARG A 186 -5.60 10.06 0.23
N GLY A 187 -6.59 10.57 -0.52
CA GLY A 187 -7.32 11.80 -0.15
C GLY A 187 -7.24 12.92 -1.17
N ALA A 188 -6.98 12.58 -2.43
CA ALA A 188 -6.94 13.60 -3.50
C ALA A 188 -8.36 14.17 -3.70
N VAL A 189 -9.37 13.32 -3.57
CA VAL A 189 -10.74 13.79 -3.72
C VAL A 189 -11.10 14.76 -2.55
N ARG A 190 -10.76 14.38 -1.34
CA ARG A 190 -11.02 15.21 -0.14
C ARG A 190 -10.38 16.61 -0.38
N GLU A 191 -9.16 16.61 -0.91
CA GLU A 191 -8.42 17.86 -1.16
C GLU A 191 -9.19 18.80 -2.09
N VAL A 192 -9.75 18.26 -3.16
CA VAL A 192 -10.55 19.05 -4.08
C VAL A 192 -11.86 19.47 -3.39
N CYS A 193 -12.49 18.55 -2.65
CA CYS A 193 -13.71 18.91 -1.89
C CYS A 193 -13.42 20.07 -0.94
N ASP A 194 -12.30 20.01 -0.20
CA ASP A 194 -11.90 21.09 0.72
C ASP A 194 -11.69 22.40 -0.03
N LEU A 195 -11.01 22.33 -1.17
CA LEU A 195 -10.72 23.50 -2.02
C LEU A 195 -12.00 24.19 -2.52
N ILE A 196 -12.92 23.39 -3.06
CA ILE A 196 -14.21 23.93 -3.54
C ILE A 196 -14.98 24.62 -2.42
N LEU A 197 -15.04 23.97 -1.25
CA LEU A 197 -15.74 24.54 -0.10
C LEU A 197 -15.06 25.79 0.44
N LEU A 198 -13.72 25.79 0.45
CA LEU A 198 -12.97 26.96 0.89
C LEU A 198 -13.29 28.13 -0.03
N ALA A 199 -13.27 27.85 -1.33
CA ALA A 199 -13.51 28.85 -2.36
C ALA A 199 -14.89 29.47 -2.28
N GLN A 200 -15.86 28.69 -1.82
CA GLN A 200 -17.24 29.17 -1.71
C GLN A 200 -17.59 29.59 -0.28
N ASP A 201 -16.57 29.77 0.56
CA ASP A 201 -16.76 30.16 1.97
C ASP A 201 -17.73 29.22 2.68
N LYS A 202 -17.60 27.93 2.39
CA LYS A 202 -18.48 26.92 2.98
C LYS A 202 -17.71 25.87 3.80
N LEU A 203 -16.40 26.05 3.93
CA LEU A 203 -15.54 25.07 4.63
C LEU A 203 -15.70 25.01 6.15
N GLU A 204 -15.76 26.17 6.80
CA GLU A 204 -15.90 26.22 8.25
C GLU A 204 -17.19 25.56 8.78
N GLY A 205 -18.29 25.76 8.06
CA GLY A 205 -19.59 25.20 8.46
C GLY A 205 -20.00 23.85 7.91
N ALA A 206 -19.31 23.39 6.86
CA ALA A 206 -19.63 22.10 6.23
C ALA A 206 -19.48 20.89 7.15
N THR A 207 -20.34 19.89 6.93
CA THR A 207 -20.31 18.64 7.68
C THR A 207 -20.57 17.47 6.73
N GLY A 208 -20.07 16.29 7.09
CA GLY A 208 -20.24 15.11 6.23
C GLY A 208 -20.75 13.86 6.93
N LEU A 209 -21.96 13.95 7.49
CA LEU A 209 -22.55 12.80 8.16
C LEU A 209 -23.20 11.98 7.04
N SER A 210 -23.32 10.67 7.26
CA SER A 210 -23.91 9.76 6.26
C SER A 210 -25.42 9.91 6.09
N ILE A 211 -25.94 9.37 4.99
CA ILE A 211 -27.37 9.45 4.70
C ILE A 211 -28.18 8.80 5.82
N ASN B 27 29.63 11.29 -24.80
CA ASN B 27 28.57 12.27 -25.23
C ASN B 27 27.31 11.58 -25.78
N THR B 28 26.76 10.67 -24.99
CA THR B 28 25.55 9.91 -25.34
C THR B 28 24.38 10.87 -25.58
N ALA B 29 23.55 10.56 -26.56
CA ALA B 29 22.41 11.40 -26.86
C ALA B 29 21.17 10.82 -26.18
N TYR B 30 20.34 11.71 -25.65
CA TYR B 30 19.12 11.31 -24.95
C TYR B 30 17.92 12.00 -25.56
N ILE B 31 16.76 11.38 -25.35
CA ILE B 31 15.50 11.90 -25.82
C ILE B 31 14.65 12.07 -24.57
N ASP B 32 14.10 13.27 -24.37
N ASP B 32 14.11 13.27 -24.38
CA ASP B 32 13.26 13.54 -23.19
CA ASP B 32 13.21 13.50 -23.26
C ASP B 32 11.87 12.93 -23.37
C ASP B 32 11.95 12.69 -23.46
N THR B 33 11.41 12.17 -22.37
CA THR B 33 10.12 11.48 -22.41
C THR B 33 9.39 11.96 -21.17
N CYS B 34 8.11 11.66 -21.06
CA CYS B 34 7.34 12.09 -19.88
C CYS B 34 7.85 11.42 -18.58
N TYR B 35 8.73 10.42 -18.70
CA TYR B 35 9.32 9.76 -17.52
C TYR B 35 10.78 10.19 -17.30
N GLY B 36 11.26 11.08 -18.15
CA GLY B 36 12.63 11.55 -18.06
C GLY B 36 13.47 11.09 -19.25
N PRO B 37 14.75 11.49 -19.29
CA PRO B 37 15.60 11.14 -20.43
C PRO B 37 15.76 9.64 -20.68
N VAL B 38 15.73 9.27 -21.95
CA VAL B 38 15.93 7.89 -22.37
C VAL B 38 17.02 7.89 -23.42
N ALA B 39 18.04 7.05 -23.23
CA ALA B 39 19.16 6.99 -24.16
C ALA B 39 18.73 6.67 -25.58
N ASP B 40 19.40 7.29 -26.55
N ASP B 40 19.39 7.30 -26.57
CA ASP B 40 19.08 7.05 -27.96
CA ASP B 40 19.09 7.04 -27.98
C ASP B 40 19.14 5.56 -28.29
C ASP B 40 19.16 5.54 -28.32
N ASP B 41 20.07 4.82 -27.67
CA ASP B 41 20.23 3.36 -27.88
C ASP B 41 18.94 2.61 -27.52
N VAL B 42 18.30 3.02 -26.41
CA VAL B 42 17.07 2.40 -25.93
C VAL B 42 15.90 2.72 -26.85
N ILE B 43 15.85 3.97 -27.32
CA ILE B 43 14.83 4.39 -28.26
C ILE B 43 14.90 3.55 -29.54
N GLN B 44 16.11 3.38 -30.09
CA GLN B 44 16.28 2.59 -31.31
C GLN B 44 15.83 1.15 -31.09
N ARG B 45 16.13 0.58 -29.92
CA ARG B 45 15.68 -0.78 -29.59
C ARG B 45 14.14 -0.86 -29.52
N ALA B 46 13.53 0.17 -28.92
CA ALA B 46 12.08 0.22 -28.76
C ALA B 46 11.34 0.38 -30.10
N ALA B 47 12.00 1.06 -31.04
CA ALA B 47 11.44 1.30 -32.37
C ALA B 47 11.22 -0.01 -33.17
N ASN B 48 11.93 -1.09 -32.81
CA ASN B 48 11.82 -2.37 -33.52
C ASN B 48 10.88 -3.39 -32.91
N ILE B 49 10.27 -3.04 -31.77
CA ILE B 49 9.41 -4.00 -31.05
C ILE B 49 8.09 -4.36 -31.73
N ARG B 50 7.83 -5.66 -31.82
CA ARG B 50 6.60 -6.22 -32.40
C ARG B 50 5.89 -7.07 -31.35
N LEU B 51 6.61 -7.42 -30.29
CA LEU B 51 6.09 -8.26 -29.21
C LEU B 51 6.62 -7.84 -27.84
N LEU B 52 5.70 -7.65 -26.89
CA LEU B 52 6.05 -7.33 -25.52
C LEU B 52 5.68 -8.52 -24.65
N ILE B 53 6.65 -9.05 -23.93
CA ILE B 53 6.42 -10.15 -23.00
C ILE B 53 6.59 -9.62 -21.58
N CYS B 54 5.59 -9.87 -20.73
CA CYS B 54 5.62 -9.46 -19.36
C CYS B 54 5.62 -10.62 -18.39
N ASP B 55 6.45 -10.51 -17.36
CA ASP B 55 6.38 -11.45 -16.26
C ASP B 55 5.21 -10.82 -15.47
N VAL B 56 4.73 -11.50 -14.45
CA VAL B 56 3.57 -10.96 -13.70
C VAL B 56 3.87 -10.40 -12.31
N ASP B 57 4.23 -11.27 -11.38
CA ASP B 57 4.49 -10.84 -10.00
C ASP B 57 5.67 -9.89 -9.91
N GLY B 58 5.43 -8.69 -9.37
CA GLY B 58 6.52 -7.71 -9.24
C GLY B 58 6.69 -6.82 -10.47
N VAL B 59 5.94 -7.15 -11.52
CA VAL B 59 5.95 -6.38 -12.78
C VAL B 59 4.57 -5.79 -12.97
N MET B 60 3.55 -6.65 -13.11
CA MET B 60 2.16 -6.17 -13.20
C MET B 60 1.57 -5.94 -11.82
N SER B 61 2.27 -6.45 -10.81
CA SER B 61 1.82 -6.28 -9.42
C SER B 61 3.02 -5.80 -8.62
N ASP B 62 2.82 -5.45 -7.35
CA ASP B 62 3.97 -5.01 -6.54
C ASP B 62 4.69 -6.19 -5.90
N GLY B 63 4.38 -7.39 -6.38
CA GLY B 63 5.03 -8.61 -5.88
C GLY B 63 4.36 -9.35 -4.74
N LEU B 64 3.16 -8.89 -4.33
CA LEU B 64 2.46 -9.53 -3.23
C LEU B 64 1.43 -10.56 -3.69
N ILE B 65 1.28 -11.61 -2.88
CA ILE B 65 0.26 -12.65 -3.08
C ILE B 65 -0.60 -12.61 -1.82
N TYR B 66 -1.91 -12.38 -1.99
CA TYR B 66 -2.82 -12.36 -0.85
C TYR B 66 -3.39 -13.76 -0.66
N MET B 67 -3.25 -14.30 0.53
CA MET B 67 -3.75 -15.66 0.83
C MET B 67 -4.72 -15.62 2.01
N GLY B 68 -5.80 -16.40 1.94
CA GLY B 68 -6.80 -16.42 2.99
C GLY B 68 -6.98 -17.77 3.67
N ASN B 69 -7.66 -17.76 4.80
CA ASN B 69 -7.95 -18.96 5.57
C ASN B 69 -8.88 -19.96 4.90
N GLN B 70 -9.62 -19.51 3.88
CA GLN B 70 -10.50 -20.43 3.14
C GLN B 70 -9.91 -20.80 1.77
N GLY B 71 -8.60 -20.62 1.64
CA GLY B 71 -7.93 -20.95 0.38
C GLY B 71 -8.06 -19.88 -0.68
N GLU B 72 -8.55 -18.69 -0.31
CA GLU B 72 -8.68 -17.60 -1.29
C GLU B 72 -7.29 -17.12 -1.66
N GLU B 73 -7.18 -16.58 -2.86
CA GLU B 73 -5.94 -15.97 -3.35
C GLU B 73 -6.31 -14.77 -4.21
N LEU B 74 -5.65 -13.65 -3.95
N LEU B 74 -5.67 -13.64 -3.96
CA LEU B 74 -5.88 -12.43 -4.70
CA LEU B 74 -5.89 -12.47 -4.79
C LEU B 74 -4.54 -11.91 -5.21
C LEU B 74 -4.56 -11.88 -5.20
N LYS B 75 -4.58 -11.11 -6.29
CA LYS B 75 -3.39 -10.44 -6.79
C LYS B 75 -3.97 -9.10 -7.24
N ALA B 76 -3.18 -8.03 -7.12
CA ALA B 76 -3.64 -6.69 -7.50
C ALA B 76 -2.96 -6.24 -8.79
N PHE B 77 -3.77 -5.78 -9.76
CA PHE B 77 -3.25 -5.26 -11.04
C PHE B 77 -3.51 -3.76 -11.11
N ASN B 78 -2.76 -3.05 -11.93
CA ASN B 78 -2.91 -1.59 -12.07
C ASN B 78 -3.62 -1.19 -13.36
N VAL B 79 -4.66 -0.37 -13.25
CA VAL B 79 -5.44 0.02 -14.43
C VAL B 79 -4.61 0.79 -15.46
N ARG B 80 -3.62 1.52 -14.98
CA ARG B 80 -2.76 2.31 -15.87
C ARG B 80 -2.01 1.35 -16.81
N ASP B 81 -1.62 0.18 -16.30
CA ASP B 81 -0.97 -0.83 -17.14
C ASP B 81 -1.95 -1.39 -18.16
N GLY B 82 -3.20 -1.61 -17.75
CA GLY B 82 -4.21 -2.14 -18.67
C GLY B 82 -4.36 -1.20 -19.87
N TYR B 83 -4.40 0.12 -19.63
CA TYR B 83 -4.54 1.09 -20.72
C TYR B 83 -3.34 0.95 -21.69
N GLY B 84 -2.14 0.83 -21.16
CA GLY B 84 -0.93 0.66 -21.99
C GLY B 84 -0.99 -0.59 -22.85
N ILE B 85 -1.42 -1.70 -22.25
CA ILE B 85 -1.52 -2.96 -22.97
C ILE B 85 -2.52 -2.86 -24.14
N ARG B 86 -3.68 -2.25 -23.86
CA ARG B 86 -4.68 -2.04 -24.89
C ARG B 86 -4.12 -1.16 -26.00
N CYS B 87 -3.31 -0.17 -25.64
CA CYS B 87 -2.71 0.71 -26.67
C CYS B 87 -1.80 -0.12 -27.58
N LEU B 88 -1.04 -1.04 -27.00
CA LEU B 88 -0.14 -1.88 -27.82
C LEU B 88 -0.92 -2.79 -28.76
N ILE B 89 -1.85 -3.55 -28.19
CA ILE B 89 -2.67 -4.49 -28.96
C ILE B 89 -3.41 -3.80 -30.11
N THR B 90 -4.02 -2.65 -29.84
CA THR B 90 -4.75 -1.90 -30.88
C THR B 90 -3.80 -1.20 -31.87
N SER B 91 -2.50 -1.19 -31.56
CA SER B 91 -1.49 -0.60 -32.45
C SER B 91 -0.72 -1.71 -33.18
N ASP B 92 -1.30 -2.90 -33.18
N ASP B 92 -1.30 -2.90 -33.20
CA ASP B 92 -0.76 -4.10 -33.84
CA ASP B 92 -0.70 -4.07 -33.88
C ASP B 92 0.56 -4.61 -33.25
C ASP B 92 0.62 -4.54 -33.26
N ILE B 93 0.72 -4.45 -31.95
CA ILE B 93 1.91 -4.91 -31.23
C ILE B 93 1.42 -5.97 -30.25
N ASP B 94 1.89 -7.20 -30.41
CA ASP B 94 1.47 -8.32 -29.55
C ASP B 94 1.96 -8.21 -28.11
N VAL B 95 1.17 -8.75 -27.19
CA VAL B 95 1.49 -8.75 -25.76
C VAL B 95 1.33 -10.18 -25.24
N ALA B 96 2.33 -10.66 -24.52
CA ALA B 96 2.27 -12.02 -23.99
C ALA B 96 2.68 -11.99 -22.52
N ILE B 97 2.23 -13.01 -21.81
CA ILE B 97 2.53 -13.16 -20.39
C ILE B 97 3.14 -14.53 -20.14
N ILE B 98 4.25 -14.58 -19.42
CA ILE B 98 4.89 -15.82 -19.05
C ILE B 98 5.16 -15.77 -17.54
N THR B 99 4.62 -16.72 -16.79
CA THR B 99 4.82 -16.74 -15.35
C THR B 99 4.98 -18.17 -14.85
N GLY B 100 5.72 -18.32 -13.75
CA GLY B 100 5.94 -19.64 -13.13
C GLY B 100 4.78 -20.03 -12.23
N ARG B 101 3.97 -19.06 -11.84
CA ARG B 101 2.82 -19.29 -10.99
C ARG B 101 1.61 -19.70 -11.83
N ARG B 102 0.56 -20.15 -11.17
CA ARG B 102 -0.64 -20.57 -11.87
C ARG B 102 -1.88 -20.15 -11.08
N ALA B 103 -2.76 -19.37 -11.69
CA ALA B 103 -3.97 -18.90 -11.02
C ALA B 103 -5.05 -18.51 -12.00
N LYS B 104 -6.27 -18.96 -11.72
CA LYS B 104 -7.44 -18.63 -12.52
C LYS B 104 -7.61 -17.10 -12.60
N LEU B 105 -7.29 -16.40 -11.52
CA LEU B 105 -7.44 -14.93 -11.51
C LEU B 105 -6.64 -14.26 -12.65
N LEU B 106 -5.50 -14.86 -13.00
CA LEU B 106 -4.65 -14.31 -14.05
C LEU B 106 -5.29 -14.55 -15.42
N GLU B 107 -5.92 -15.72 -15.62
CA GLU B 107 -6.63 -15.98 -16.88
C GLU B 107 -7.72 -14.90 -17.01
N ASP B 108 -8.42 -14.61 -15.90
CA ASP B 108 -9.46 -13.56 -15.89
C ASP B 108 -8.89 -12.19 -16.28
N ARG B 109 -7.75 -11.82 -15.68
CA ARG B 109 -7.10 -10.55 -15.98
C ARG B 109 -6.68 -10.49 -17.48
N ALA B 110 -6.09 -11.56 -17.98
CA ALA B 110 -5.67 -11.61 -19.39
C ALA B 110 -6.88 -11.47 -20.32
N ASN B 111 -7.99 -12.16 -19.99
CA ASN B 111 -9.21 -12.05 -20.79
C ASN B 111 -9.74 -10.61 -20.85
N THR B 112 -9.74 -9.92 -19.71
CA THR B 112 -10.22 -8.52 -19.68
C THR B 112 -9.37 -7.60 -20.56
N LEU B 113 -8.08 -7.91 -20.71
CA LEU B 113 -7.19 -7.10 -21.53
C LEU B 113 -7.04 -7.57 -22.96
N GLY B 114 -7.74 -8.64 -23.33
CA GLY B 114 -7.65 -9.15 -24.67
C GLY B 114 -6.32 -9.81 -24.96
N ILE B 115 -5.62 -10.26 -23.91
CA ILE B 115 -4.34 -10.96 -24.08
C ILE B 115 -4.65 -12.43 -24.34
N THR B 116 -4.18 -12.95 -25.47
CA THR B 116 -4.44 -14.35 -25.82
C THR B 116 -3.22 -15.25 -25.66
N HIS B 117 -2.05 -14.65 -25.44
CA HIS B 117 -0.84 -15.43 -25.29
C HIS B 117 -0.45 -15.44 -23.83
N LEU B 118 -1.02 -16.40 -23.10
CA LEU B 118 -0.79 -16.54 -21.67
C LEU B 118 -0.18 -17.89 -21.33
N TYR B 119 0.96 -17.87 -20.64
CA TYR B 119 1.66 -19.11 -20.25
C TYR B 119 1.88 -19.11 -18.73
N GLN B 120 1.23 -20.04 -18.04
CA GLN B 120 1.37 -20.14 -16.58
C GLN B 120 2.02 -21.45 -16.21
N GLY B 121 2.53 -21.53 -14.98
CA GLY B 121 3.19 -22.73 -14.48
C GLY B 121 4.43 -23.05 -15.31
N GLN B 122 5.01 -22.02 -15.92
CA GLN B 122 6.21 -22.20 -16.76
C GLN B 122 7.49 -22.14 -15.94
N SER B 123 8.04 -23.31 -15.62
CA SER B 123 9.28 -23.42 -14.87
C SER B 123 10.49 -22.95 -15.71
N ASP B 124 10.47 -23.24 -17.01
CA ASP B 124 11.53 -22.82 -17.94
C ASP B 124 10.83 -21.84 -18.88
N LYS B 125 11.08 -20.56 -18.67
CA LYS B 125 10.42 -19.55 -19.48
C LYS B 125 10.82 -19.55 -20.95
N LEU B 126 12.00 -20.11 -21.24
CA LEU B 126 12.51 -20.18 -22.61
C LEU B 126 11.64 -21.02 -23.54
N VAL B 127 10.96 -22.03 -22.98
CA VAL B 127 10.08 -22.88 -23.78
C VAL B 127 8.95 -22.06 -24.40
N ALA B 128 8.26 -21.27 -23.57
CA ALA B 128 7.17 -20.40 -24.04
C ALA B 128 7.70 -19.31 -24.97
N TYR B 129 8.84 -18.74 -24.59
CA TYR B 129 9.50 -17.72 -25.40
C TYR B 129 9.77 -18.24 -26.84
N HIS B 130 10.34 -19.42 -26.96
CA HIS B 130 10.60 -19.97 -28.31
C HIS B 130 9.32 -20.24 -29.12
N GLU B 131 8.26 -20.66 -28.43
CA GLU B 131 6.98 -20.93 -29.10
C GLU B 131 6.40 -19.64 -29.67
N LEU B 132 6.48 -18.57 -28.89
CA LEU B 132 5.99 -17.25 -29.30
C LEU B 132 6.70 -16.72 -30.52
N LEU B 133 8.01 -16.75 -30.50
CA LEU B 133 8.76 -16.29 -31.65
C LEU B 133 8.46 -17.09 -32.90
N ALA B 134 8.35 -18.41 -32.75
CA ALA B 134 8.05 -19.29 -33.88
C ALA B 134 6.66 -19.02 -34.45
N THR B 135 5.65 -19.02 -33.59
CA THR B 135 4.26 -18.79 -34.00
C THR B 135 3.99 -17.37 -34.49
N LEU B 136 4.59 -16.37 -33.83
CA LEU B 136 4.39 -14.98 -34.18
C LEU B 136 5.32 -14.43 -35.27
N GLN B 137 6.25 -15.28 -35.73
CA GLN B 137 7.23 -14.93 -36.77
C GLN B 137 7.91 -13.64 -36.36
N CYS B 138 8.49 -13.68 -35.15
N CYS B 138 8.44 -13.65 -35.13
CA CYS B 138 9.14 -12.55 -34.55
CA CYS B 138 9.18 -12.53 -34.57
C CYS B 138 10.61 -12.86 -34.24
C CYS B 138 10.63 -12.90 -34.33
N GLN B 139 11.52 -11.94 -34.60
CA GLN B 139 12.95 -12.12 -34.35
C GLN B 139 13.20 -11.65 -32.90
N PRO B 140 14.21 -12.25 -32.20
CA PRO B 140 14.55 -11.83 -30.83
C PRO B 140 14.69 -10.31 -30.69
N GLU B 141 15.31 -9.66 -31.68
CA GLU B 141 15.48 -8.19 -31.67
C GLU B 141 14.18 -7.40 -31.69
N GLN B 142 13.09 -8.07 -32.08
CA GLN B 142 11.76 -7.46 -32.14
C GLN B 142 10.97 -7.72 -30.86
N VAL B 143 11.64 -8.30 -29.86
CA VAL B 143 10.97 -8.63 -28.60
C VAL B 143 11.46 -7.79 -27.43
N ALA B 144 10.50 -7.32 -26.60
CA ALA B 144 10.81 -6.62 -25.36
C ALA B 144 10.31 -7.54 -24.23
N TYR B 145 11.02 -7.55 -23.11
CA TYR B 145 10.65 -8.39 -21.97
C TYR B 145 10.84 -7.59 -20.69
N ILE B 146 9.80 -7.56 -19.86
CA ILE B 146 9.86 -6.84 -18.57
C ILE B 146 9.91 -7.84 -17.42
N GLY B 147 11.00 -7.81 -16.64
CA GLY B 147 11.19 -8.74 -15.54
C GLY B 147 11.46 -8.04 -14.21
N ASP B 148 11.51 -8.83 -13.13
CA ASP B 148 11.81 -8.22 -11.82
C ASP B 148 12.73 -9.10 -10.98
N ASP B 149 13.05 -10.30 -11.44
CA ASP B 149 13.90 -11.18 -10.66
C ASP B 149 14.84 -12.02 -11.57
N LEU B 150 15.79 -12.72 -10.96
CA LEU B 150 16.79 -13.51 -11.70
C LEU B 150 16.20 -14.58 -12.63
N ILE B 151 15.04 -15.10 -12.24
CA ILE B 151 14.30 -16.09 -13.02
C ILE B 151 13.98 -15.56 -14.43
N ASP B 152 13.90 -14.24 -14.55
CA ASP B 152 13.61 -13.59 -15.82
C ASP B 152 14.85 -13.38 -16.71
N TRP B 153 16.04 -13.51 -16.13
CA TRP B 153 17.24 -13.22 -16.90
C TRP B 153 17.52 -14.10 -18.14
N PRO B 154 17.25 -15.43 -18.08
CA PRO B 154 17.53 -16.23 -19.28
C PRO B 154 16.81 -15.72 -20.54
N VAL B 155 15.58 -15.22 -20.39
CA VAL B 155 14.86 -14.71 -21.54
C VAL B 155 15.35 -13.29 -21.90
N MET B 156 15.46 -12.42 -20.88
CA MET B 156 15.91 -11.03 -21.09
C MET B 156 17.26 -10.97 -21.78
N ALA B 157 18.12 -11.94 -21.46
CA ALA B 157 19.46 -12.01 -22.07
C ALA B 157 19.41 -12.17 -23.59
N GLN B 158 18.30 -12.71 -24.09
CA GLN B 158 18.19 -12.99 -25.53
C GLN B 158 17.44 -11.95 -26.35
N VAL B 159 16.69 -11.06 -25.70
CA VAL B 159 15.83 -10.12 -26.44
C VAL B 159 16.40 -8.77 -26.85
N GLY B 160 15.68 -8.10 -27.75
CA GLY B 160 16.08 -6.78 -28.28
C GLY B 160 15.95 -5.67 -27.25
N LEU B 161 14.95 -5.76 -26.37
CA LEU B 161 14.80 -4.73 -25.33
C LEU B 161 14.47 -5.35 -23.98
N SER B 162 15.49 -5.54 -23.16
CA SER B 162 15.27 -6.12 -21.83
C SER B 162 14.98 -4.98 -20.87
N VAL B 163 13.98 -5.19 -20.03
CA VAL B 163 13.58 -4.16 -19.09
C VAL B 163 13.44 -4.70 -17.68
N ALA B 164 14.04 -3.99 -16.73
CA ALA B 164 13.89 -4.34 -15.31
C ALA B 164 13.06 -3.22 -14.67
N VAL B 165 12.05 -3.58 -13.89
CA VAL B 165 11.23 -2.57 -13.21
C VAL B 165 12.10 -1.87 -12.15
N ALA B 166 11.70 -0.66 -11.79
CA ALA B 166 12.46 0.17 -10.84
C ALA B 166 12.90 -0.56 -9.56
N ASP B 167 12.00 -1.35 -8.98
CA ASP B 167 12.31 -2.07 -7.75
C ASP B 167 12.55 -3.57 -7.96
N ALA B 168 13.12 -3.91 -9.11
CA ALA B 168 13.45 -5.28 -9.42
C ALA B 168 14.59 -5.69 -8.49
N HIS B 169 14.85 -7.00 -8.39
CA HIS B 169 15.94 -7.48 -7.56
C HIS B 169 17.20 -6.72 -8.01
N PRO B 170 18.02 -6.24 -7.03
CA PRO B 170 19.24 -5.46 -7.30
C PRO B 170 20.19 -6.08 -8.33
N LEU B 171 20.31 -7.40 -8.35
CA LEU B 171 21.21 -8.05 -9.34
C LEU B 171 20.71 -7.98 -10.77
N LEU B 172 19.42 -7.76 -10.97
CA LEU B 172 18.89 -7.71 -12.34
C LEU B 172 19.04 -6.31 -12.94
N LEU B 173 18.96 -5.30 -12.09
CA LEU B 173 19.05 -3.89 -12.52
C LEU B 173 20.17 -3.52 -13.51
N PRO B 174 21.44 -3.86 -13.20
CA PRO B 174 22.53 -3.49 -14.10
C PRO B 174 22.56 -4.27 -15.40
N LYS B 175 21.79 -5.36 -15.49
CA LYS B 175 21.79 -6.21 -16.67
C LYS B 175 20.85 -5.78 -17.79
N ALA B 176 19.78 -5.08 -17.44
CA ALA B 176 18.76 -4.70 -18.43
C ALA B 176 19.17 -3.52 -19.32
N HIS B 177 18.60 -3.46 -20.52
CA HIS B 177 18.86 -2.32 -21.42
C HIS B 177 18.23 -1.05 -20.84
N TYR B 178 17.12 -1.23 -20.13
CA TYR B 178 16.40 -0.10 -19.56
C TYR B 178 15.78 -0.46 -18.21
N VAL B 179 15.92 0.46 -17.25
CA VAL B 179 15.33 0.31 -15.93
C VAL B 179 14.19 1.33 -15.85
N THR B 180 12.97 0.86 -15.57
CA THR B 180 11.85 1.80 -15.51
C THR B 180 11.95 2.75 -14.31
N ARG B 181 11.36 3.93 -14.47
CA ARG B 181 11.27 4.88 -13.36
C ARG B 181 10.16 4.44 -12.41
N ILE B 182 9.12 3.83 -12.97
CA ILE B 182 7.96 3.43 -12.16
C ILE B 182 8.11 2.00 -11.61
N LYS B 183 7.72 1.82 -10.35
CA LYS B 183 7.83 0.51 -9.67
C LYS B 183 6.81 -0.50 -10.15
N GLY B 184 7.12 -1.78 -9.91
CA GLY B 184 6.23 -2.86 -10.27
C GLY B 184 4.87 -2.65 -9.65
N GLY B 185 3.81 -2.84 -10.44
CA GLY B 185 2.46 -2.68 -9.94
C GLY B 185 1.97 -1.26 -9.87
N ARG B 186 2.83 -0.30 -10.18
N ARG B 186 2.84 -0.29 -10.16
CA ARG B 186 2.45 1.11 -10.11
CA ARG B 186 2.47 1.12 -10.11
C ARG B 186 2.41 1.77 -11.49
C ARG B 186 2.36 1.75 -11.49
N GLY B 187 2.62 0.98 -12.54
CA GLY B 187 2.60 1.51 -13.93
C GLY B 187 3.92 1.33 -14.68
N ALA B 188 4.73 0.38 -14.24
CA ALA B 188 5.99 0.10 -14.93
C ALA B 188 5.68 -0.47 -16.32
N VAL B 189 4.62 -1.28 -16.44
CA VAL B 189 4.25 -1.84 -17.74
C VAL B 189 3.83 -0.69 -18.66
N ARG B 190 2.96 0.18 -18.17
CA ARG B 190 2.52 1.34 -18.92
C ARG B 190 3.70 2.16 -19.45
N GLU B 191 4.68 2.37 -18.58
CA GLU B 191 5.88 3.13 -18.95
C GLU B 191 6.56 2.53 -20.20
N VAL B 192 6.67 1.20 -20.23
CA VAL B 192 7.28 0.50 -21.36
C VAL B 192 6.40 0.58 -22.60
N CYS B 193 5.07 0.48 -22.42
CA CYS B 193 4.15 0.59 -23.55
C CYS B 193 4.28 2.00 -24.19
N ASP B 194 4.37 3.03 -23.34
CA ASP B 194 4.51 4.41 -23.79
C ASP B 194 5.83 4.61 -24.55
N LEU B 195 6.90 4.02 -24.04
CA LEU B 195 8.24 4.11 -24.67
C LEU B 195 8.23 3.48 -26.07
N ILE B 196 7.66 2.29 -26.18
CA ILE B 196 7.57 1.59 -27.47
C ILE B 196 6.77 2.42 -28.48
N LEU B 197 5.63 2.94 -28.04
CA LEU B 197 4.79 3.75 -28.92
C LEU B 197 5.44 5.06 -29.34
N LEU B 198 6.11 5.73 -28.40
CA LEU B 198 6.82 6.96 -28.68
C LEU B 198 7.90 6.68 -29.73
N ALA B 199 8.65 5.59 -29.51
CA ALA B 199 9.74 5.20 -30.40
C ALA B 199 9.27 4.92 -31.82
N GLN B 200 8.02 4.47 -31.94
CA GLN B 200 7.46 4.16 -33.26
C GLN B 200 6.52 5.25 -33.80
N ASP B 201 6.55 6.42 -33.16
CA ASP B 201 5.70 7.55 -33.60
C ASP B 201 4.21 7.17 -33.60
N LYS B 202 3.81 6.36 -32.62
CA LYS B 202 2.43 5.89 -32.49
C LYS B 202 1.83 6.29 -31.15
N LEU B 203 2.53 7.11 -30.39
CA LEU B 203 2.04 7.51 -29.07
C LEU B 203 0.83 8.45 -29.11
N GLU B 204 0.91 9.49 -29.93
CA GLU B 204 -0.18 10.47 -30.02
C GLU B 204 -1.49 9.82 -30.49
N GLY B 205 -1.39 8.97 -31.50
CA GLY B 205 -2.57 8.30 -32.06
C GLY B 205 -3.07 7.09 -31.27
N ALA B 206 -2.29 6.62 -30.31
CA ALA B 206 -2.65 5.43 -29.51
C ALA B 206 -3.97 5.55 -28.75
N THR B 207 -4.73 4.47 -28.73
CA THR B 207 -6.01 4.44 -28.04
C THR B 207 -6.11 3.20 -27.14
N GLY B 208 -6.67 3.39 -25.94
CA GLY B 208 -6.82 2.29 -25.00
C GLY B 208 -7.93 2.57 -23.99
N LEU B 209 -8.16 1.61 -23.10
CA LEU B 209 -9.17 1.77 -22.06
C LEU B 209 -8.56 1.50 -20.68
N SER B 210 -8.87 2.39 -19.73
N SER B 210 -8.85 2.39 -19.73
CA SER B 210 -8.36 2.28 -18.37
CA SER B 210 -8.34 2.27 -18.36
C SER B 210 -9.10 1.16 -17.62
C SER B 210 -9.07 1.17 -17.61
N ILE B 211 -8.61 -0.07 -17.78
CA ILE B 211 -9.21 -1.25 -17.14
C ILE B 211 -8.17 -2.12 -16.44
N THR C 28 37.23 -0.58 10.32
CA THR C 28 36.26 -1.67 9.96
C THR C 28 36.28 -1.94 8.46
N ALA C 29 36.31 -3.22 8.10
CA ALA C 29 36.30 -3.63 6.72
C ALA C 29 34.87 -3.94 6.26
N TYR C 30 34.54 -3.44 5.08
CA TYR C 30 33.23 -3.66 4.48
C TYR C 30 33.39 -4.34 3.13
N ILE C 31 32.41 -5.17 2.80
CA ILE C 31 32.39 -5.90 1.55
C ILE C 31 31.18 -5.41 0.79
N ASP C 32 31.37 -5.06 -0.49
CA ASP C 32 30.23 -4.61 -1.32
C ASP C 32 29.26 -5.76 -1.59
N THR C 33 27.97 -5.45 -1.58
CA THR C 33 26.93 -6.43 -1.90
C THR C 33 25.92 -5.70 -2.75
N CYS C 34 25.02 -6.43 -3.41
CA CYS C 34 24.01 -5.77 -4.22
C CYS C 34 23.05 -4.91 -3.37
N TYR C 35 23.16 -5.02 -2.04
CA TYR C 35 22.34 -4.20 -1.13
C TYR C 35 23.13 -3.08 -0.45
N GLY C 36 24.41 -2.99 -0.78
CA GLY C 36 25.28 -1.99 -0.19
C GLY C 36 26.35 -2.68 0.65
N PRO C 37 27.26 -1.89 1.25
CA PRO C 37 28.32 -2.52 2.03
C PRO C 37 27.80 -3.26 3.25
N VAL C 38 28.42 -4.40 3.53
CA VAL C 38 28.08 -5.21 4.70
C VAL C 38 29.40 -5.41 5.45
N ALA C 39 29.37 -5.22 6.76
CA ALA C 39 30.57 -5.38 7.60
C ALA C 39 31.11 -6.81 7.50
N ASP C 40 32.43 -6.94 7.50
CA ASP C 40 33.07 -8.25 7.41
C ASP C 40 32.59 -9.20 8.51
N ASP C 41 32.35 -8.66 9.70
CA ASP C 41 31.83 -9.40 10.87
C ASP C 41 30.51 -10.11 10.51
N VAL C 42 29.61 -9.40 9.83
CA VAL C 42 28.31 -9.97 9.45
C VAL C 42 28.47 -11.05 8.37
N ILE C 43 29.37 -10.82 7.41
CA ILE C 43 29.62 -11.81 6.36
C ILE C 43 30.08 -13.11 7.02
N GLN C 44 31.01 -13.00 7.97
CA GLN C 44 31.52 -14.18 8.68
C GLN C 44 30.42 -14.92 9.45
N ARG C 45 29.54 -14.16 10.11
CA ARG C 45 28.43 -14.76 10.84
C ARG C 45 27.52 -15.51 9.86
N ALA C 46 27.19 -14.86 8.73
CA ALA C 46 26.35 -15.47 7.68
C ALA C 46 26.95 -16.74 7.10
N ALA C 47 28.27 -16.78 7.01
CA ALA C 47 28.97 -17.95 6.47
C ALA C 47 28.75 -19.24 7.26
N ASN C 48 28.38 -19.14 8.53
CA ASN C 48 28.17 -20.33 9.39
C ASN C 48 26.73 -20.81 9.48
N ILE C 49 25.81 -20.09 8.87
CA ILE C 49 24.38 -20.40 8.98
C ILE C 49 23.87 -21.72 8.35
N ARG C 50 23.20 -22.52 9.19
CA ARG C 50 22.61 -23.80 8.80
C ARG C 50 21.09 -23.77 8.93
N LEU C 51 20.59 -22.76 9.66
CA LEU C 51 19.15 -22.62 9.87
C LEU C 51 18.72 -21.17 9.91
N LEU C 52 17.73 -20.84 9.08
CA LEU C 52 17.16 -19.50 9.08
C LEU C 52 15.76 -19.57 9.71
N ILE C 53 15.55 -18.78 10.77
CA ILE C 53 14.25 -18.74 11.43
C ILE C 53 13.64 -17.37 11.15
N CYS C 54 12.41 -17.35 10.67
CA CYS C 54 11.74 -16.08 10.40
C CYS C 54 10.48 -15.91 11.23
N ASP C 55 10.24 -14.66 11.65
CA ASP C 55 9.00 -14.31 12.27
C ASP C 55 8.12 -14.06 11.03
N VAL C 56 6.80 -13.90 11.20
CA VAL C 56 5.95 -13.69 10.03
C VAL C 56 5.50 -12.24 9.81
N ASP C 57 4.62 -11.76 10.69
CA ASP C 57 4.07 -10.41 10.56
C ASP C 57 5.12 -9.33 10.74
N GLY C 58 5.29 -8.51 9.71
CA GLY C 58 6.26 -7.44 9.72
C GLY C 58 7.61 -7.86 9.13
N VAL C 59 7.77 -9.16 8.90
CA VAL C 59 8.99 -9.74 8.30
C VAL C 59 8.68 -10.31 6.92
N MET C 60 7.77 -11.27 6.85
CA MET C 60 7.33 -11.83 5.57
C MET C 60 6.19 -11.00 4.98
N SER C 61 5.63 -10.09 5.79
CA SER C 61 4.55 -9.19 5.37
C SER C 61 4.90 -7.80 5.87
N ASP C 62 4.10 -6.78 5.52
CA ASP C 62 4.35 -5.43 5.98
C ASP C 62 3.67 -5.20 7.34
N GLY C 63 3.27 -6.28 8.01
CA GLY C 63 2.66 -6.20 9.34
C GLY C 63 1.14 -6.03 9.40
N LEU C 64 0.49 -6.08 8.23
CA LEU C 64 -0.96 -5.93 8.16
C LEU C 64 -1.74 -7.24 8.16
N ILE C 65 -2.92 -7.25 8.79
N ILE C 65 -2.92 -7.18 8.77
CA ILE C 65 -3.79 -8.42 8.78
CA ILE C 65 -3.84 -8.29 8.87
C ILE C 65 -5.16 -7.92 8.34
C ILE C 65 -5.12 -7.77 8.23
N TYR C 66 -5.64 -8.51 7.24
CA TYR C 66 -6.89 -8.10 6.62
C TYR C 66 -8.00 -8.92 7.23
N MET C 67 -9.03 -8.24 7.75
CA MET C 67 -10.14 -8.94 8.38
C MET C 67 -11.46 -8.54 7.73
N GLY C 68 -12.35 -9.50 7.55
CA GLY C 68 -13.62 -9.23 6.91
C GLY C 68 -14.83 -9.51 7.78
N ASN C 69 -15.99 -9.03 7.32
CA ASN C 69 -17.25 -9.20 8.05
C ASN C 69 -17.79 -10.63 8.15
N GLN C 70 -17.29 -11.54 7.31
CA GLN C 70 -17.75 -12.94 7.40
C GLN C 70 -16.65 -13.76 8.08
N GLY C 71 -15.74 -13.07 8.78
CA GLY C 71 -14.65 -13.76 9.46
C GLY C 71 -13.45 -14.11 8.61
N GLU C 72 -13.41 -13.58 7.38
N GLU C 72 -13.43 -13.63 7.36
CA GLU C 72 -12.29 -13.85 6.49
CA GLU C 72 -12.29 -13.93 6.50
C GLU C 72 -11.03 -13.22 7.06
C GLU C 72 -11.04 -13.19 6.97
N GLU C 73 -9.88 -13.78 6.69
CA GLU C 73 -8.60 -13.21 7.08
C GLU C 73 -7.63 -13.41 5.92
N LEU C 74 -6.89 -12.36 5.56
CA LEU C 74 -5.88 -12.46 4.51
C LEU C 74 -4.55 -11.93 5.04
N LYS C 75 -3.45 -12.39 4.43
CA LYS C 75 -2.14 -11.87 4.75
C LYS C 75 -1.44 -11.84 3.38
N ALA C 76 -0.59 -10.84 3.16
CA ALA C 76 0.10 -10.70 1.89
C ALA C 76 1.56 -11.11 2.01
N PHE C 77 2.00 -12.00 1.14
CA PHE C 77 3.41 -12.46 1.16
C PHE C 77 4.13 -11.96 -0.09
N ASN C 78 5.45 -11.90 -0.02
CA ASN C 78 6.24 -11.40 -1.13
C ASN C 78 6.88 -12.53 -1.96
N VAL C 79 6.62 -12.51 -3.27
CA VAL C 79 7.13 -13.55 -4.18
C VAL C 79 8.66 -13.64 -4.20
N ARG C 80 9.36 -12.50 -4.14
CA ARG C 80 10.82 -12.56 -4.12
C ARG C 80 11.36 -13.25 -2.88
N ASP C 81 10.65 -13.10 -1.76
CA ASP C 81 11.02 -13.76 -0.52
C ASP C 81 10.91 -15.25 -0.72
N GLY C 82 9.84 -15.69 -1.38
CA GLY C 82 9.64 -17.11 -1.66
C GLY C 82 10.80 -17.74 -2.42
N TYR C 83 11.30 -17.01 -3.41
CA TYR C 83 12.42 -17.48 -4.20
C TYR C 83 13.67 -17.63 -3.34
N GLY C 84 13.92 -16.64 -2.48
CA GLY C 84 15.06 -16.70 -1.57
C GLY C 84 15.00 -17.92 -0.68
N ILE C 85 13.81 -18.16 -0.11
CA ILE C 85 13.59 -19.31 0.77
C ILE C 85 13.87 -20.62 0.03
N ARG C 86 13.36 -20.73 -1.21
CA ARG C 86 13.58 -21.95 -1.99
C ARG C 86 15.07 -22.13 -2.27
N CYS C 87 15.79 -21.04 -2.53
CA CYS C 87 17.23 -21.12 -2.76
C CYS C 87 17.95 -21.67 -1.54
N LEU C 88 17.57 -21.21 -0.36
CA LEU C 88 18.19 -21.73 0.86
C LEU C 88 17.91 -23.22 1.05
N ILE C 89 16.64 -23.59 0.96
CA ILE C 89 16.22 -25.00 1.12
C ILE C 89 16.94 -25.94 0.14
N THR C 90 17.05 -25.53 -1.13
CA THR C 90 17.72 -26.34 -2.13
C THR C 90 19.25 -26.32 -1.95
N SER C 91 19.75 -25.34 -1.20
CA SER C 91 21.19 -25.25 -0.92
C SER C 91 21.52 -25.91 0.43
N ASP C 92 20.62 -26.75 0.92
CA ASP C 92 20.80 -27.48 2.18
C ASP C 92 20.82 -26.60 3.44
N ILE C 93 20.05 -25.52 3.43
CA ILE C 93 19.94 -24.65 4.60
C ILE C 93 18.48 -24.61 5.00
N ASP C 94 18.17 -25.12 6.18
CA ASP C 94 16.78 -25.16 6.68
C ASP C 94 16.16 -23.80 6.96
N VAL C 95 14.84 -23.73 6.78
CA VAL C 95 14.10 -22.49 7.01
C VAL C 95 12.90 -22.81 7.89
N ALA C 96 12.80 -22.13 9.04
CA ALA C 96 11.69 -22.34 9.94
C ALA C 96 10.93 -21.05 10.20
N ILE C 97 9.71 -21.20 10.71
CA ILE C 97 8.85 -20.08 11.05
C ILE C 97 8.35 -20.22 12.48
N ILE C 98 8.43 -19.13 13.24
CA ILE C 98 7.90 -19.09 14.61
C ILE C 98 7.06 -17.83 14.71
N THR C 99 5.78 -18.00 14.98
CA THR C 99 4.87 -16.86 15.10
C THR C 99 3.89 -17.07 16.24
N GLY C 100 3.44 -15.96 16.83
CA GLY C 100 2.49 -15.95 17.93
C GLY C 100 1.05 -16.10 17.43
N ARG C 101 0.82 -15.76 16.17
CA ARG C 101 -0.52 -15.90 15.57
C ARG C 101 -0.75 -17.31 15.05
N ARG C 102 -1.99 -17.59 14.65
CA ARG C 102 -2.35 -18.90 14.11
C ARG C 102 -3.38 -18.70 13.00
N ALA C 103 -3.08 -19.16 11.80
CA ALA C 103 -4.01 -19.07 10.67
C ALA C 103 -3.68 -20.15 9.65
N LYS C 104 -4.72 -20.78 9.10
CA LYS C 104 -4.51 -21.83 8.10
C LYS C 104 -3.82 -21.29 6.83
N LEU C 105 -3.98 -19.99 6.58
CA LEU C 105 -3.38 -19.37 5.40
C LEU C 105 -1.87 -19.49 5.48
N LEU C 106 -1.31 -19.48 6.70
CA LEU C 106 0.14 -19.58 6.89
C LEU C 106 0.64 -21.00 6.61
N GLU C 107 -0.18 -21.99 6.96
CA GLU C 107 0.16 -23.38 6.69
C GLU C 107 0.29 -23.55 5.19
N ASP C 108 -0.66 -22.98 4.45
CA ASP C 108 -0.67 -23.01 2.98
C ASP C 108 0.60 -22.38 2.42
N ARG C 109 0.94 -21.20 2.94
CA ARG C 109 2.14 -20.51 2.47
C ARG C 109 3.39 -21.35 2.75
N ALA C 110 3.51 -21.84 3.99
CA ALA C 110 4.64 -22.69 4.39
C ALA C 110 4.76 -23.88 3.43
N ASN C 111 3.64 -24.54 3.18
CA ASN C 111 3.60 -25.67 2.26
C ASN C 111 4.02 -25.31 0.84
N THR C 112 3.59 -24.15 0.34
CA THR C 112 3.98 -23.76 -1.02
C THR C 112 5.48 -23.51 -1.09
N LEU C 113 6.09 -23.18 0.04
CA LEU C 113 7.54 -22.93 0.10
C LEU C 113 8.36 -24.17 0.43
N GLY C 114 7.68 -25.25 0.79
CA GLY C 114 8.38 -26.47 1.15
C GLY C 114 8.97 -26.36 2.56
N ILE C 115 8.40 -25.48 3.38
CA ILE C 115 8.82 -25.30 4.77
C ILE C 115 8.11 -26.36 5.58
N THR C 116 8.88 -27.15 6.36
CA THR C 116 8.28 -28.20 7.19
C THR C 116 8.37 -27.90 8.69
N HIS C 117 9.06 -26.81 9.05
CA HIS C 117 9.20 -26.42 10.45
C HIS C 117 8.43 -25.13 10.69
N LEU C 118 7.14 -25.28 11.03
CA LEU C 118 6.24 -24.15 11.29
C LEU C 118 5.69 -24.23 12.70
N TYR C 119 5.89 -23.15 13.46
CA TYR C 119 5.40 -23.05 14.83
C TYR C 119 4.46 -21.86 14.96
N GLN C 120 3.16 -22.13 15.06
CA GLN C 120 2.17 -21.07 15.21
C GLN C 120 1.67 -21.03 16.65
N GLY C 121 1.01 -19.92 17.01
CA GLY C 121 0.49 -19.76 18.36
C GLY C 121 1.56 -19.92 19.43
N GLN C 122 2.79 -19.50 19.13
CA GLN C 122 3.88 -19.61 20.10
C GLN C 122 4.01 -18.33 20.92
N SER C 123 3.72 -18.43 22.22
CA SER C 123 3.84 -17.26 23.10
C SER C 123 5.30 -17.00 23.47
N ASP C 124 5.99 -18.06 23.90
CA ASP C 124 7.39 -17.98 24.26
C ASP C 124 8.17 -18.60 23.10
N LYS C 125 8.78 -17.75 22.28
CA LYS C 125 9.52 -18.19 21.10
C LYS C 125 10.77 -19.05 21.39
N LEU C 126 11.31 -18.95 22.60
CA LEU C 126 12.48 -19.75 23.00
C LEU C 126 12.19 -21.25 23.01
N VAL C 127 10.96 -21.63 23.36
CA VAL C 127 10.60 -23.05 23.40
C VAL C 127 10.80 -23.70 22.03
N ALA C 128 10.22 -23.10 20.99
CA ALA C 128 10.34 -23.58 19.63
C ALA C 128 11.81 -23.52 19.17
N TYR C 129 12.49 -22.43 19.53
CA TYR C 129 13.90 -22.26 19.20
C TYR C 129 14.74 -23.41 19.73
N HIS C 130 14.57 -23.72 21.02
CA HIS C 130 15.35 -24.81 21.61
C HIS C 130 15.00 -26.16 20.99
N GLU C 131 13.76 -26.31 20.56
CA GLU C 131 13.32 -27.54 19.91
C GLU C 131 14.00 -27.70 18.54
N LEU C 132 14.09 -26.60 17.79
CA LEU C 132 14.74 -26.61 16.48
C LEU C 132 16.22 -26.97 16.59
N LEU C 133 16.88 -26.47 17.64
CA LEU C 133 18.29 -26.77 17.86
C LEU C 133 18.46 -28.28 18.00
N ALA C 134 17.55 -28.91 18.75
CA ALA C 134 17.59 -30.36 18.96
C ALA C 134 17.23 -31.15 17.72
N THR C 135 16.05 -30.86 17.17
CA THR C 135 15.55 -31.55 15.97
C THR C 135 16.58 -31.57 14.84
N LEU C 136 17.12 -30.41 14.52
CA LEU C 136 18.08 -30.28 13.44
C LEU C 136 19.55 -30.42 13.86
N GLN C 137 19.79 -30.85 15.11
N GLN C 137 19.78 -30.85 15.12
CA GLN C 137 21.15 -31.02 15.64
CA GLN C 137 21.13 -30.99 15.67
C GLN C 137 21.98 -29.81 15.22
C GLN C 137 21.98 -29.81 15.24
N CYS C 138 21.51 -28.63 15.60
CA CYS C 138 22.14 -27.39 15.24
C CYS C 138 22.73 -26.63 16.43
N GLN C 139 23.77 -25.84 16.18
CA GLN C 139 24.40 -25.00 17.21
C GLN C 139 23.85 -23.56 17.09
N PRO C 140 23.77 -22.81 18.20
CA PRO C 140 23.23 -21.45 18.15
C PRO C 140 23.91 -20.55 17.11
N GLU C 141 25.25 -20.63 17.02
CA GLU C 141 25.99 -19.81 16.05
C GLU C 141 25.68 -20.16 14.59
N GLN C 142 24.98 -21.27 14.39
CA GLN C 142 24.58 -21.72 13.05
C GLN C 142 23.18 -21.26 12.71
N VAL C 143 22.59 -20.46 13.60
CA VAL C 143 21.22 -19.99 13.42
C VAL C 143 21.16 -18.49 13.15
N ALA C 144 20.30 -18.12 12.21
CA ALA C 144 20.04 -16.73 11.90
C ALA C 144 18.56 -16.54 12.21
N TYR C 145 18.20 -15.35 12.69
CA TYR C 145 16.81 -15.07 13.03
C TYR C 145 16.44 -13.67 12.53
N ILE C 146 15.35 -13.57 11.78
CA ILE C 146 14.89 -12.26 11.31
C ILE C 146 13.63 -11.85 12.10
N GLY C 147 13.72 -10.74 12.84
CA GLY C 147 12.60 -10.25 13.65
C GLY C 147 12.16 -8.83 13.30
N ASP C 148 11.03 -8.41 13.86
CA ASP C 148 10.51 -7.06 13.63
C ASP C 148 10.02 -6.37 14.91
N ASP C 149 9.89 -7.13 16.02
CA ASP C 149 9.39 -6.53 17.27
C ASP C 149 10.08 -7.15 18.51
N LEU C 150 9.80 -6.56 19.67
CA LEU C 150 10.44 -6.96 20.94
C LEU C 150 10.28 -8.41 21.33
N ILE C 151 9.14 -9.02 21.01
CA ILE C 151 8.95 -10.44 21.35
C ILE C 151 9.97 -11.35 20.64
N ASP C 152 10.61 -10.84 19.59
CA ASP C 152 11.63 -11.61 18.85
C ASP C 152 13.01 -11.56 19.49
N TRP C 153 13.25 -10.56 20.32
CA TRP C 153 14.57 -10.38 20.92
C TRP C 153 15.13 -11.53 21.78
N PRO C 154 14.31 -12.15 22.66
CA PRO C 154 14.91 -13.24 23.45
C PRO C 154 15.65 -14.27 22.59
N VAL C 155 15.09 -14.63 21.44
CA VAL C 155 15.72 -15.60 20.55
C VAL C 155 16.93 -14.98 19.79
N MET C 156 16.70 -13.81 19.19
CA MET C 156 17.74 -13.09 18.45
C MET C 156 19.00 -12.86 19.31
N ALA C 157 18.81 -12.60 20.60
CA ALA C 157 19.92 -12.37 21.52
C ALA C 157 20.88 -13.56 21.61
N GLN C 158 20.38 -14.74 21.30
CA GLN C 158 21.19 -15.96 21.42
C GLN C 158 21.79 -16.55 20.14
N VAL C 159 21.34 -16.10 18.96
CA VAL C 159 21.81 -16.68 17.66
C VAL C 159 23.10 -16.09 17.06
N GLY C 160 23.63 -16.78 16.04
CA GLY C 160 24.84 -16.36 15.33
C GLY C 160 24.66 -15.12 14.47
N LEU C 161 23.47 -14.98 13.88
CA LEU C 161 23.18 -13.83 13.04
C LEU C 161 21.78 -13.30 13.30
N SER C 162 21.68 -12.28 14.14
CA SER C 162 20.39 -11.68 14.44
C SER C 162 20.12 -10.59 13.40
N VAL C 163 18.90 -10.58 12.85
CA VAL C 163 18.55 -9.60 11.84
C VAL C 163 17.25 -8.86 12.16
N ALA C 164 17.29 -7.53 12.05
CA ALA C 164 16.08 -6.73 12.21
C ALA C 164 15.73 -6.18 10.84
N VAL C 165 14.45 -6.23 10.46
CA VAL C 165 14.03 -5.67 9.17
C VAL C 165 14.17 -4.15 9.24
N ALA C 166 14.31 -3.50 8.07
CA ALA C 166 14.51 -2.06 7.97
C ALA C 166 13.54 -1.25 8.83
N ASP C 167 12.28 -1.67 8.81
CA ASP C 167 11.24 -0.98 9.54
C ASP C 167 10.72 -1.73 10.78
N ALA C 168 11.61 -2.47 11.42
CA ALA C 168 11.27 -3.17 12.66
C ALA C 168 11.04 -2.11 13.73
N HIS C 169 10.45 -2.51 14.86
CA HIS C 169 10.24 -1.57 15.94
C HIS C 169 11.61 -0.91 16.25
N PRO C 170 11.64 0.43 16.40
CA PRO C 170 12.88 1.20 16.66
C PRO C 170 13.77 0.68 17.79
N LEU C 171 13.16 0.09 18.82
CA LEU C 171 13.96 -0.45 19.93
C LEU C 171 14.74 -1.70 19.56
N LEU C 172 14.28 -2.43 18.55
CA LEU C 172 14.95 -3.66 18.11
C LEU C 172 16.16 -3.38 17.19
N LEU C 173 16.06 -2.33 16.38
CA LEU C 173 17.11 -1.94 15.41
C LEU C 173 18.59 -1.92 15.87
N PRO C 174 18.91 -1.16 16.94
CA PRO C 174 20.32 -1.15 17.34
C PRO C 174 20.84 -2.42 18.02
N LYS C 175 19.95 -3.38 18.29
CA LYS C 175 20.36 -4.62 18.95
C LYS C 175 20.80 -5.76 18.01
N ALA C 176 20.33 -5.72 16.78
CA ALA C 176 20.63 -6.76 15.80
C ALA C 176 22.02 -6.66 15.21
N HIS C 177 22.57 -7.81 14.79
CA HIS C 177 23.88 -7.84 14.12
C HIS C 177 23.78 -7.16 12.77
N TYR C 178 22.61 -7.28 12.13
CA TYR C 178 22.38 -6.70 10.83
C TYR C 178 20.97 -6.17 10.66
N VAL C 179 20.85 -4.98 10.10
CA VAL C 179 19.56 -4.37 9.81
C VAL C 179 19.42 -4.40 8.28
N THR C 180 18.34 -4.99 7.77
CA THR C 180 18.17 -5.06 6.32
C THR C 180 17.87 -3.70 5.71
N ARG C 181 18.25 -3.52 4.46
CA ARG C 181 17.92 -2.30 3.75
C ARG C 181 16.47 -2.33 3.30
N ILE C 182 15.97 -3.53 3.00
CA ILE C 182 14.59 -3.69 2.50
C ILE C 182 13.59 -3.85 3.65
N LYS C 183 12.41 -3.24 3.51
CA LYS C 183 11.38 -3.31 4.54
C LYS C 183 10.69 -4.67 4.62
N GLY C 184 10.05 -4.92 5.75
CA GLY C 184 9.31 -6.16 5.94
C GLY C 184 8.23 -6.28 4.88
N GLY C 185 8.08 -7.48 4.33
CA GLY C 185 7.08 -7.73 3.29
C GLY C 185 7.46 -7.24 1.91
N ARG C 186 8.64 -6.61 1.78
CA ARG C 186 9.08 -6.07 0.48
C ARG C 186 10.32 -6.78 -0.06
N GLY C 187 10.79 -7.79 0.67
CA GLY C 187 11.99 -8.54 0.25
C GLY C 187 13.11 -8.54 1.27
N ALA C 188 12.76 -8.31 2.54
CA ALA C 188 13.77 -8.33 3.60
C ALA C 188 14.26 -9.77 3.81
N VAL C 189 13.38 -10.74 3.62
CA VAL C 189 13.79 -12.13 3.78
C VAL C 189 14.73 -12.54 2.64
N ARG C 190 14.40 -12.11 1.43
CA ARG C 190 15.24 -12.40 0.27
C ARG C 190 16.66 -11.81 0.49
N GLU C 191 16.72 -10.62 1.09
CA GLU C 191 17.99 -9.93 1.36
C GLU C 191 18.89 -10.80 2.24
N VAL C 192 18.31 -11.35 3.30
CA VAL C 192 19.04 -12.22 4.22
C VAL C 192 19.42 -13.51 3.49
N CYS C 193 18.48 -14.03 2.68
CA CYS C 193 18.79 -15.24 1.90
C CYS C 193 19.98 -15.00 0.97
N ASP C 194 19.98 -13.87 0.26
CA ASP C 194 21.08 -13.51 -0.65
C ASP C 194 22.40 -13.33 0.12
N LEU C 195 22.32 -12.72 1.30
CA LEU C 195 23.51 -12.48 2.14
C LEU C 195 24.13 -13.81 2.60
N ILE C 196 23.29 -14.69 3.14
CA ILE C 196 23.77 -16.02 3.58
C ILE C 196 24.48 -16.76 2.44
N LEU C 197 23.81 -16.84 1.28
CA LEU C 197 24.37 -17.54 0.11
C LEU C 197 25.67 -16.91 -0.41
N LEU C 198 25.71 -15.57 -0.42
CA LEU C 198 26.90 -14.83 -0.84
C LEU C 198 28.07 -15.21 0.06
N ALA C 199 27.81 -15.21 1.38
CA ALA C 199 28.83 -15.52 2.38
C ALA C 199 29.32 -16.95 2.29
N GLN C 200 28.46 -17.82 1.76
CA GLN C 200 28.82 -19.23 1.63
C GLN C 200 29.20 -19.65 0.21
N ASP C 201 29.53 -18.66 -0.63
CA ASP C 201 29.90 -18.90 -2.03
C ASP C 201 28.89 -19.78 -2.76
N LYS C 202 27.61 -19.59 -2.44
CA LYS C 202 26.54 -20.37 -3.05
C LYS C 202 25.54 -19.50 -3.79
N LEU C 203 25.81 -18.20 -3.87
CA LEU C 203 24.89 -17.26 -4.52
C LEU C 203 24.81 -17.44 -6.04
N GLU C 204 25.96 -17.37 -6.71
CA GLU C 204 26.07 -17.52 -8.15
C GLU C 204 25.36 -18.77 -8.69
N GLY C 205 25.55 -19.90 -8.01
CA GLY C 205 24.96 -21.18 -8.42
C GLY C 205 23.58 -21.50 -7.85
N ALA C 206 22.93 -20.53 -7.21
CA ALA C 206 21.60 -20.74 -6.63
C ALA C 206 20.49 -20.50 -7.65
N SER D 26 11.98 31.11 25.04
CA SER D 26 11.25 29.80 25.12
C SER D 26 12.14 28.72 25.75
N ASN D 27 13.03 28.12 24.95
CA ASN D 27 13.95 27.07 25.41
C ASN D 27 13.22 25.85 25.97
N THR D 28 12.49 25.15 25.11
CA THR D 28 11.75 23.96 25.52
C THR D 28 12.69 22.79 25.83
N ALA D 29 12.31 21.99 26.80
CA ALA D 29 13.07 20.81 27.17
C ALA D 29 12.45 19.63 26.42
N TYR D 30 13.31 18.74 25.92
CA TYR D 30 12.87 17.56 25.20
C TYR D 30 13.50 16.32 25.79
N ILE D 31 12.79 15.21 25.66
CA ILE D 31 13.28 13.93 26.13
C ILE D 31 13.45 13.10 24.88
N ASP D 32 14.59 12.43 24.75
CA ASP D 32 14.79 11.62 23.57
C ASP D 32 14.01 10.31 23.74
N THR D 33 13.39 9.84 22.65
CA THR D 33 12.62 8.59 22.66
C THR D 33 13.01 7.81 21.40
N CYS D 34 12.62 6.54 21.33
CA CYS D 34 12.96 5.73 20.15
C CYS D 34 12.30 6.23 18.85
N TYR D 35 11.38 7.19 18.97
CA TYR D 35 10.73 7.82 17.80
C TYR D 35 11.25 9.22 17.53
N GLY D 36 12.14 9.72 18.39
CA GLY D 36 12.70 11.05 18.25
C GLY D 36 12.39 11.89 19.48
N PRO D 37 12.88 13.14 19.50
CA PRO D 37 12.64 13.99 20.68
C PRO D 37 11.14 14.26 20.92
N VAL D 38 10.75 14.28 22.19
CA VAL D 38 9.37 14.55 22.59
C VAL D 38 9.38 15.64 23.64
N ALA D 39 8.58 16.68 23.45
CA ALA D 39 8.53 17.80 24.38
C ALA D 39 8.18 17.30 25.77
N ASP D 40 8.83 17.91 26.76
CA ASP D 40 8.59 17.57 28.16
C ASP D 40 7.09 17.73 28.50
N ASP D 41 6.48 18.77 27.95
CA ASP D 41 5.05 19.06 28.14
C ASP D 41 4.24 17.80 27.75
N VAL D 42 4.61 17.21 26.61
CA VAL D 42 3.94 16.01 26.09
C VAL D 42 4.20 14.82 27.02
N ILE D 43 5.43 14.66 27.50
CA ILE D 43 5.78 13.58 28.44
C ILE D 43 4.91 13.69 29.72
N GLN D 44 4.77 14.89 30.26
N GLN D 44 4.77 14.91 30.25
CA GLN D 44 3.97 15.07 31.48
CA GLN D 44 4.00 15.16 31.47
C GLN D 44 2.51 14.70 31.25
C GLN D 44 2.51 14.80 31.27
N ARG D 45 1.97 15.07 30.08
CA ARG D 45 0.59 14.73 29.75
C ARG D 45 0.41 13.21 29.69
N ALA D 46 1.37 12.54 29.05
CA ALA D 46 1.34 11.07 28.87
C ALA D 46 1.48 10.33 30.22
N ALA D 47 2.19 10.95 31.15
CA ALA D 47 2.41 10.38 32.49
C ALA D 47 1.11 10.20 33.29
N ASN D 48 0.06 10.93 32.92
CA ASN D 48 -1.21 10.88 33.67
C ASN D 48 -2.31 10.08 33.02
N ILE D 49 -2.01 9.48 31.87
CA ILE D 49 -3.01 8.73 31.10
C ILE D 49 -3.49 7.39 31.71
N ARG D 50 -4.80 7.29 31.92
N ARG D 50 -4.79 7.31 31.94
CA ARG D 50 -5.41 6.08 32.46
CA ARG D 50 -5.49 6.14 32.49
C ARG D 50 -6.30 5.44 31.39
C ARG D 50 -6.34 5.47 31.41
N LEU D 51 -6.59 6.20 30.33
CA LEU D 51 -7.45 5.70 29.23
C LEU D 51 -7.02 6.19 27.89
N LEU D 52 -6.87 5.26 26.94
CA LEU D 52 -6.53 5.63 25.57
C LEU D 52 -7.73 5.37 24.68
N ILE D 53 -8.22 6.39 24.00
CA ILE D 53 -9.33 6.23 23.07
C ILE D 53 -8.79 6.35 21.64
N CYS D 54 -9.11 5.38 20.78
CA CYS D 54 -8.68 5.40 19.38
C CYS D 54 -9.81 5.48 18.38
N ASP D 55 -9.66 6.32 17.38
CA ASP D 55 -10.58 6.31 16.26
C ASP D 55 -10.03 5.10 15.45
N VAL D 56 -10.76 4.61 14.46
CA VAL D 56 -10.27 3.44 13.71
C VAL D 56 -9.67 3.73 12.36
N ASP D 57 -10.52 4.17 11.44
CA ASP D 57 -10.09 4.45 10.06
C ASP D 57 -9.08 5.59 9.97
N GLY D 58 -7.90 5.29 9.46
CA GLY D 58 -6.83 6.28 9.33
C GLY D 58 -5.93 6.35 10.56
N VAL D 59 -6.30 5.62 11.61
CA VAL D 59 -5.53 5.56 12.86
C VAL D 59 -5.00 4.13 13.06
N MET D 60 -5.91 3.18 13.21
CA MET D 60 -5.55 1.76 13.31
C MET D 60 -5.35 1.19 11.91
N SER D 61 -5.80 1.94 10.90
CA SER D 61 -5.65 1.52 9.52
C SER D 61 -5.10 2.66 8.67
N ASP D 62 -4.88 2.29 7.42
N ASP D 62 -4.80 2.34 7.42
CA ASP D 62 -4.36 3.12 6.37
CA ASP D 62 -4.30 3.25 6.39
C ASP D 62 -5.41 4.06 5.77
C ASP D 62 -5.36 4.25 5.92
N GLY D 63 -6.61 4.06 6.37
CA GLY D 63 -7.71 4.91 5.93
C GLY D 63 -8.52 4.27 4.78
N LEU D 64 -8.18 3.03 4.40
CA LEU D 64 -8.87 2.37 3.28
C LEU D 64 -9.94 1.37 3.69
N ILE D 65 -10.99 1.30 2.87
CA ILE D 65 -12.05 0.31 3.05
C ILE D 65 -12.06 -0.51 1.78
N TYR D 66 -11.95 -1.84 1.93
CA TYR D 66 -11.98 -2.74 0.77
C TYR D 66 -13.39 -3.26 0.60
N MET D 67 -13.94 -3.07 -0.58
CA MET D 67 -15.30 -3.49 -0.88
C MET D 67 -15.31 -4.45 -2.09
N GLY D 68 -16.16 -5.47 -2.02
CA GLY D 68 -16.23 -6.44 -3.09
C GLY D 68 -17.60 -6.55 -3.74
N ASN D 69 -17.63 -7.24 -4.88
CA ASN D 69 -18.85 -7.44 -5.65
C ASN D 69 -19.98 -8.22 -4.98
N GLN D 70 -19.65 -9.06 -4.00
N GLN D 70 -19.64 -9.08 -4.02
CA GLN D 70 -20.66 -9.83 -3.27
CA GLN D 70 -20.64 -9.84 -3.27
C GLN D 70 -21.00 -9.17 -1.94
C GLN D 70 -20.92 -9.19 -1.91
N GLY D 71 -20.55 -7.92 -1.78
CA GLY D 71 -20.77 -7.15 -0.57
C GLY D 71 -19.74 -7.35 0.53
N GLU D 72 -18.64 -8.03 0.21
N GLU D 72 -18.66 -8.09 0.26
CA GLU D 72 -17.57 -8.26 1.17
CA GLU D 72 -17.66 -8.27 1.30
C GLU D 72 -16.99 -6.92 1.60
C GLU D 72 -17.01 -6.94 1.62
N GLU D 73 -16.47 -6.85 2.83
CA GLU D 73 -15.79 -5.63 3.32
C GLU D 73 -14.61 -6.07 4.19
N LEU D 74 -13.43 -5.52 3.91
N LEU D 74 -13.42 -5.56 3.91
CA LEU D 74 -12.22 -5.81 4.66
CA LEU D 74 -12.26 -5.87 4.75
C LEU D 74 -11.62 -4.53 5.19
C LEU D 74 -11.59 -4.56 5.17
N LYS D 75 -10.86 -4.64 6.28
CA LYS D 75 -10.11 -3.51 6.81
C LYS D 75 -8.78 -4.13 7.26
N ALA D 76 -7.68 -3.39 7.11
CA ALA D 76 -6.36 -3.90 7.48
C ALA D 76 -5.86 -3.29 8.79
N PHE D 77 -5.50 -4.13 9.74
CA PHE D 77 -4.98 -3.66 11.03
C PHE D 77 -3.50 -4.00 11.12
N ASN D 78 -2.78 -3.31 11.99
CA ASN D 78 -1.35 -3.53 12.13
C ASN D 78 -0.98 -4.30 13.39
N VAL D 79 -0.21 -5.37 13.21
CA VAL D 79 0.21 -6.23 14.31
C VAL D 79 0.97 -5.52 15.44
N ARG D 80 1.81 -4.55 15.07
N ARG D 80 1.84 -4.56 15.11
CA ARG D 80 2.60 -3.78 16.02
CA ARG D 80 2.56 -3.88 16.20
C ARG D 80 1.70 -2.94 16.95
C ARG D 80 1.63 -3.01 17.04
N ASP D 81 0.55 -2.51 16.44
CA ASP D 81 -0.43 -1.72 17.22
C ASP D 81 -1.05 -2.68 18.23
N GLY D 82 -1.38 -3.89 17.76
CA GLY D 82 -1.94 -4.91 18.63
C GLY D 82 -1.07 -5.13 19.85
N TYR D 83 0.24 -5.27 19.64
CA TYR D 83 1.16 -5.47 20.75
C TYR D 83 1.08 -4.32 21.78
N GLY D 84 1.11 -3.08 21.27
CA GLY D 84 1.01 -1.88 22.11
C GLY D 84 -0.26 -1.86 22.94
N ILE D 85 -1.39 -2.14 22.28
CA ILE D 85 -2.70 -2.18 22.97
C ILE D 85 -2.68 -3.22 24.11
N ARG D 86 -2.06 -4.37 23.87
CA ARG D 86 -1.95 -5.41 24.90
C ARG D 86 -1.09 -4.95 26.05
N CYS D 87 0.01 -4.26 25.75
CA CYS D 87 0.87 -3.72 26.81
C CYS D 87 0.10 -2.75 27.69
N LEU D 88 -0.72 -1.88 27.09
CA LEU D 88 -1.50 -0.93 27.90
C LEU D 88 -2.49 -1.66 28.79
N ILE D 89 -3.31 -2.51 28.19
CA ILE D 89 -4.31 -3.27 28.92
C ILE D 89 -3.71 -4.07 30.09
N THR D 90 -2.61 -4.77 29.83
CA THR D 90 -1.97 -5.56 30.89
C THR D 90 -1.25 -4.68 31.93
N SER D 91 -1.13 -3.39 31.62
CA SER D 91 -0.51 -2.43 32.53
C SER D 91 -1.59 -1.61 33.25
N ASP D 92 -2.83 -2.08 33.21
N ASP D 92 -2.83 -2.10 33.19
CA ASP D 92 -3.94 -1.41 33.89
CA ASP D 92 -4.00 -1.47 33.85
C ASP D 92 -4.30 -0.04 33.28
C ASP D 92 -4.35 -0.09 33.28
N ILE D 93 -4.13 0.09 31.98
CA ILE D 93 -4.46 1.31 31.26
C ILE D 93 -5.54 0.89 30.26
N ASP D 94 -6.74 1.43 30.42
CA ASP D 94 -7.87 1.10 29.56
C ASP D 94 -7.71 1.59 28.13
N VAL D 95 -8.32 0.84 27.22
CA VAL D 95 -8.30 1.17 25.80
C VAL D 95 -9.73 1.08 25.28
N ALA D 96 -10.16 2.10 24.54
CA ALA D 96 -11.49 2.15 23.97
C ALA D 96 -11.43 2.59 22.52
N ILE D 97 -12.47 2.20 21.78
CA ILE D 97 -12.57 2.55 20.38
C ILE D 97 -13.89 3.25 20.14
N ILE D 98 -13.85 4.39 19.45
CA ILE D 98 -15.08 5.11 19.08
C ILE D 98 -15.03 5.36 17.57
N THR D 99 -16.01 4.83 16.84
CA THR D 99 -16.04 5.02 15.38
C THR D 99 -17.47 5.26 14.88
N GLY D 100 -17.55 6.00 13.79
CA GLY D 100 -18.83 6.32 13.15
C GLY D 100 -19.29 5.20 12.24
N ARG D 101 -18.36 4.34 11.83
CA ARG D 101 -18.69 3.20 10.96
C ARG D 101 -19.12 2.01 11.82
N ARG D 102 -19.69 1.00 11.18
CA ARG D 102 -20.14 -0.20 11.87
C ARG D 102 -19.80 -1.45 11.03
N ALA D 103 -19.05 -2.37 11.62
CA ALA D 103 -18.65 -3.59 10.91
C ALA D 103 -18.33 -4.70 11.90
N LYS D 104 -18.83 -5.90 11.62
CA LYS D 104 -18.56 -7.08 12.45
C LYS D 104 -17.05 -7.34 12.53
N LEU D 105 -16.34 -7.05 11.44
CA LEU D 105 -14.89 -7.26 11.40
C LEU D 105 -14.19 -6.50 12.55
N LEU D 106 -14.71 -5.31 12.88
CA LEU D 106 -14.12 -4.51 13.96
C LEU D 106 -14.44 -5.16 15.32
N GLU D 107 -15.65 -5.70 15.49
CA GLU D 107 -15.97 -6.43 16.74
C GLU D 107 -14.95 -7.57 16.90
N ASP D 108 -14.66 -8.24 15.80
CA ASP D 108 -13.69 -9.35 15.79
C ASP D 108 -12.30 -8.87 16.22
N ARG D 109 -11.86 -7.77 15.64
CA ARG D 109 -10.55 -7.21 15.93
C ARG D 109 -10.47 -6.80 17.40
N ALA D 110 -11.51 -6.12 17.89
CA ALA D 110 -11.59 -5.70 19.29
C ALA D 110 -11.50 -6.90 20.25
N ASN D 111 -12.24 -7.95 19.94
N ASN D 111 -12.25 -7.96 19.97
CA ASN D 111 -12.24 -9.19 20.73
CA ASN D 111 -12.23 -9.17 20.80
C ASN D 111 -10.84 -9.78 20.86
C ASN D 111 -10.86 -9.85 20.87
N THR D 112 -10.16 -9.93 19.74
CA THR D 112 -8.82 -10.53 19.71
C THR D 112 -7.81 -9.75 20.57
N LEU D 113 -8.05 -8.45 20.73
CA LEU D 113 -7.18 -7.60 21.52
C LEU D 113 -7.63 -7.45 22.97
N GLY D 114 -8.78 -8.03 23.31
CA GLY D 114 -9.31 -7.91 24.66
C GLY D 114 -9.88 -6.53 24.95
N ILE D 115 -10.28 -5.81 23.90
CA ILE D 115 -10.89 -4.48 24.08
C ILE D 115 -12.36 -4.70 24.39
N THR D 116 -12.82 -4.17 25.51
CA THR D 116 -14.23 -4.35 25.89
C THR D 116 -15.06 -3.07 25.74
N HIS D 117 -14.38 -1.98 25.37
CA HIS D 117 -15.05 -0.70 25.22
C HIS D 117 -15.05 -0.30 23.75
N LEU D 118 -16.00 -0.87 23.03
CA LEU D 118 -16.15 -0.61 21.59
C LEU D 118 -17.45 0.10 21.27
N TYR D 119 -17.35 1.26 20.61
CA TYR D 119 -18.53 2.03 20.22
C TYR D 119 -18.53 2.27 18.71
N GLN D 120 -19.46 1.65 18.00
CA GLN D 120 -19.55 1.81 16.54
C GLN D 120 -20.81 2.56 16.17
N GLY D 121 -20.86 3.03 14.93
CA GLY D 121 -22.02 3.79 14.44
C GLY D 121 -22.31 5.03 15.26
N GLN D 122 -21.26 5.61 15.86
CA GLN D 122 -21.42 6.80 16.68
C GLN D 122 -21.28 8.09 15.87
N SER D 123 -22.38 8.75 15.55
CA SER D 123 -22.29 10.01 14.79
C SER D 123 -21.78 11.16 15.66
N ASP D 124 -22.08 11.12 16.96
CA ASP D 124 -21.59 12.12 17.92
C ASP D 124 -20.69 11.37 18.89
N LYS D 125 -19.39 11.51 18.68
CA LYS D 125 -18.40 10.80 19.48
C LYS D 125 -18.36 11.23 20.95
N LEU D 126 -18.87 12.43 21.23
CA LEU D 126 -18.91 12.96 22.60
C LEU D 126 -19.84 12.16 23.50
N VAL D 127 -20.86 11.52 22.94
CA VAL D 127 -21.80 10.71 23.73
C VAL D 127 -21.07 9.53 24.39
N ALA D 128 -20.32 8.79 23.57
CA ALA D 128 -19.54 7.63 23.99
C ALA D 128 -18.41 8.08 24.92
N TYR D 129 -17.77 9.18 24.56
CA TYR D 129 -16.70 9.75 25.39
C TYR D 129 -17.18 10.06 26.83
N HIS D 130 -18.29 10.78 26.97
CA HIS D 130 -18.82 11.09 28.31
C HIS D 130 -19.23 9.83 29.09
N GLU D 131 -19.77 8.83 28.40
CA GLU D 131 -20.15 7.58 29.07
C GLU D 131 -18.89 6.89 29.64
N LEU D 132 -17.83 6.81 28.83
CA LEU D 132 -16.56 6.20 29.28
C LEU D 132 -15.96 6.86 30.51
N LEU D 133 -15.86 8.20 30.51
CA LEU D 133 -15.33 8.91 31.66
C LEU D 133 -16.17 8.72 32.90
N ALA D 134 -17.47 8.66 32.73
CA ALA D 134 -18.37 8.47 33.87
C ALA D 134 -18.23 7.05 34.43
N THR D 135 -18.30 6.06 33.55
CA THR D 135 -18.21 4.66 33.97
C THR D 135 -16.82 4.24 34.44
N LEU D 136 -15.77 4.76 33.81
CA LEU D 136 -14.41 4.40 34.21
C LEU D 136 -13.85 5.32 35.29
N GLN D 137 -14.63 6.34 35.68
CA GLN D 137 -14.21 7.30 36.71
C GLN D 137 -12.86 7.91 36.34
N CYS D 138 -12.76 8.39 35.10
N CYS D 138 -12.81 8.46 35.13
CA CYS D 138 -11.56 9.06 34.60
CA CYS D 138 -11.62 9.02 34.57
C CYS D 138 -11.83 10.54 34.40
C CYS D 138 -11.80 10.52 34.27
N GLN D 139 -10.81 11.34 34.66
CA GLN D 139 -10.87 12.79 34.42
C GLN D 139 -10.38 13.02 32.98
N PRO D 140 -10.91 14.06 32.30
CA PRO D 140 -10.45 14.34 30.94
C PRO D 140 -8.93 14.42 30.82
N GLU D 141 -8.26 14.97 31.84
CA GLU D 141 -6.79 15.07 31.80
C GLU D 141 -6.09 13.70 31.81
N GLN D 142 -6.82 12.67 32.19
CA GLN D 142 -6.32 11.30 32.24
C GLN D 142 -6.62 10.51 30.95
N VAL D 143 -7.11 11.20 29.94
CA VAL D 143 -7.48 10.55 28.69
C VAL D 143 -6.64 11.01 27.52
N ALA D 144 -6.24 10.04 26.68
CA ALA D 144 -5.48 10.31 25.46
C ALA D 144 -6.41 9.88 24.31
N TYR D 145 -6.40 10.63 23.20
CA TYR D 145 -7.25 10.32 22.06
C TYR D 145 -6.44 10.46 20.77
N ILE D 146 -6.47 9.43 19.93
CA ILE D 146 -5.74 9.47 18.67
C ILE D 146 -6.75 9.57 17.53
N GLY D 147 -6.67 10.65 16.75
CA GLY D 147 -7.58 10.87 15.64
C GLY D 147 -6.87 11.13 14.31
N ASP D 148 -7.64 11.22 13.23
CA ASP D 148 -7.04 11.47 11.93
C ASP D 148 -7.85 12.48 11.10
N ASP D 149 -9.04 12.87 11.58
CA ASP D 149 -9.87 13.78 10.80
C ASP D 149 -10.67 14.75 11.70
N LEU D 150 -11.35 15.70 11.08
CA LEU D 150 -12.10 16.74 11.79
C LEU D 150 -13.15 16.24 12.78
N ILE D 151 -13.83 15.16 12.45
CA ILE D 151 -14.85 14.61 13.36
C ILE D 151 -14.25 14.18 14.71
N ASP D 152 -12.93 13.97 14.75
CA ASP D 152 -12.25 13.60 16.00
C ASP D 152 -11.95 14.80 16.88
N TRP D 153 -11.92 16.00 16.29
CA TRP D 153 -11.56 17.18 17.06
C TRP D 153 -12.45 17.56 18.27
N PRO D 154 -13.79 17.44 18.16
CA PRO D 154 -14.59 17.78 19.35
C PRO D 154 -14.14 17.01 20.60
N VAL D 155 -13.79 15.74 20.46
CA VAL D 155 -13.33 14.98 21.62
C VAL D 155 -11.88 15.36 21.98
N MET D 156 -11.02 15.41 20.96
CA MET D 156 -9.60 15.77 21.17
C MET D 156 -9.43 17.10 21.90
N ALA D 157 -10.30 18.05 21.59
CA ALA D 157 -10.26 19.38 22.20
C ALA D 157 -10.40 19.33 23.72
N GLN D 158 -11.04 18.27 24.22
CA GLN D 158 -11.31 18.17 25.66
C GLN D 158 -10.36 17.31 26.48
N VAL D 159 -9.50 16.53 25.83
CA VAL D 159 -8.65 15.57 26.55
C VAL D 159 -7.27 16.04 27.01
N GLY D 160 -6.66 15.28 27.93
CA GLY D 160 -5.32 15.60 28.44
C GLY D 160 -4.21 15.39 27.42
N LEU D 161 -4.38 14.44 26.50
CA LEU D 161 -3.35 14.18 25.48
C LEU D 161 -4.00 13.91 24.12
N SER D 162 -4.12 14.95 23.31
CA SER D 162 -4.70 14.78 21.99
C SER D 162 -3.56 14.43 21.03
N VAL D 163 -3.80 13.44 20.17
CA VAL D 163 -2.79 12.97 19.22
C VAL D 163 -3.33 12.88 17.80
N ALA D 164 -2.60 13.44 16.84
CA ALA D 164 -2.99 13.32 15.42
C ALA D 164 -1.94 12.43 14.78
N VAL D 165 -2.37 11.44 13.98
CA VAL D 165 -1.39 10.57 13.32
C VAL D 165 -0.62 11.42 12.28
N ALA D 166 0.57 10.98 11.90
CA ALA D 166 1.45 11.71 10.95
C ALA D 166 0.75 12.20 9.68
N ASP D 167 -0.09 11.33 9.10
CA ASP D 167 -0.81 11.64 7.87
C ASP D 167 -2.31 11.95 8.07
N ALA D 168 -2.64 12.57 9.20
CA ALA D 168 -3.98 13.00 9.53
C ALA D 168 -4.36 14.15 8.59
N HIS D 169 -5.64 14.46 8.51
CA HIS D 169 -6.06 15.59 7.68
C HIS D 169 -5.23 16.80 8.10
N PRO D 170 -4.71 17.59 7.12
CA PRO D 170 -3.83 18.74 7.45
C PRO D 170 -4.38 19.72 8.47
N LEU D 171 -5.70 19.93 8.49
CA LEU D 171 -6.31 20.85 9.46
C LEU D 171 -6.23 20.36 10.91
N LEU D 172 -6.11 19.05 11.12
CA LEU D 172 -6.03 18.52 12.48
C LEU D 172 -4.63 18.61 13.09
N LEU D 173 -3.61 18.45 12.23
CA LEU D 173 -2.20 18.45 12.69
C LEU D 173 -1.78 19.53 13.68
N PRO D 174 -1.99 20.82 13.33
CA PRO D 174 -1.50 21.85 14.25
C PRO D 174 -2.31 21.98 15.54
N LYS D 175 -3.44 21.28 15.62
CA LYS D 175 -4.31 21.37 16.81
C LYS D 175 -3.96 20.39 17.93
N ALA D 176 -3.31 19.28 17.60
CA ALA D 176 -3.00 18.24 18.59
C ALA D 176 -1.80 18.54 19.48
N HIS D 177 -1.80 17.98 20.68
CA HIS D 177 -0.67 18.13 21.60
C HIS D 177 0.54 17.43 21.01
N TYR D 178 0.28 16.33 20.32
CA TYR D 178 1.34 15.52 19.74
C TYR D 178 0.96 14.96 18.37
N VAL D 179 1.90 15.03 17.43
CA VAL D 179 1.69 14.44 16.10
C VAL D 179 2.64 13.23 16.02
N THR D 180 2.10 12.05 15.71
CA THR D 180 2.97 10.87 15.66
C THR D 180 3.93 10.94 14.47
N ARG D 181 5.08 10.28 14.62
CA ARG D 181 6.03 10.23 13.54
C ARG D 181 5.54 9.16 12.55
N ILE D 182 4.92 8.10 13.08
CA ILE D 182 4.44 6.97 12.28
C ILE D 182 3.03 7.21 11.73
N LYS D 183 2.81 6.79 10.47
CA LYS D 183 1.52 7.00 9.80
C LYS D 183 0.42 6.08 10.28
N GLY D 184 -0.83 6.49 10.04
CA GLY D 184 -1.98 5.68 10.41
C GLY D 184 -1.87 4.31 9.76
N GLY D 185 -2.16 3.28 10.55
CA GLY D 185 -2.10 1.91 10.09
C GLY D 185 -0.71 1.34 10.00
N ARG D 186 0.31 2.12 10.36
CA ARG D 186 1.69 1.63 10.26
C ARG D 186 2.36 1.49 11.61
N GLY D 187 1.62 1.78 12.68
CA GLY D 187 2.17 1.72 14.04
C GLY D 187 2.06 3.03 14.81
N ALA D 188 1.13 3.89 14.40
CA ALA D 188 0.93 5.15 15.11
C ALA D 188 0.33 4.85 16.49
N VAL D 189 -0.53 3.83 16.57
CA VAL D 189 -1.12 3.44 17.85
C VAL D 189 -0.01 2.91 18.77
N ARG D 190 0.83 2.04 18.24
CA ARG D 190 1.97 1.51 19.01
C ARG D 190 2.83 2.65 19.58
N GLU D 191 3.12 3.64 18.73
CA GLU D 191 3.95 4.80 19.12
C GLU D 191 3.37 5.50 20.37
N VAL D 192 2.06 5.71 20.37
CA VAL D 192 1.39 6.36 21.52
C VAL D 192 1.44 5.42 22.73
N CYS D 193 1.16 4.13 22.52
CA CYS D 193 1.25 3.16 23.63
C CYS D 193 2.63 3.20 24.26
N ASP D 194 3.67 3.23 23.42
CA ASP D 194 5.05 3.28 23.89
C ASP D 194 5.33 4.59 24.67
N LEU D 195 4.84 5.72 24.15
CA LEU D 195 5.02 7.04 24.77
C LEU D 195 4.40 7.07 26.18
N ILE D 196 3.18 6.55 26.29
CA ILE D 196 2.47 6.48 27.57
C ILE D 196 3.22 5.60 28.58
N LEU D 197 3.64 4.42 28.14
CA LEU D 197 4.37 3.49 29.01
C LEU D 197 5.70 4.11 29.47
N LEU D 198 6.44 4.70 28.53
CA LEU D 198 7.71 5.36 28.85
C LEU D 198 7.51 6.44 29.91
N ALA D 199 6.52 7.30 29.66
CA ALA D 199 6.21 8.43 30.56
C ALA D 199 5.85 7.99 31.97
N GLN D 200 5.37 6.76 32.10
CA GLN D 200 4.98 6.22 33.40
C GLN D 200 6.00 5.20 33.95
N ASP D 201 7.19 5.17 33.35
CA ASP D 201 8.27 4.26 33.79
C ASP D 201 7.84 2.81 33.74
N LYS D 202 7.02 2.47 32.74
CA LYS D 202 6.50 1.11 32.58
C LYS D 202 6.86 0.47 31.24
N LEU D 203 7.67 1.16 30.42
CA LEU D 203 8.03 0.64 29.09
C LEU D 203 8.81 -0.68 29.18
N GLU D 204 9.79 -0.72 30.08
CA GLU D 204 10.56 -1.95 30.29
C GLU D 204 9.76 -2.77 31.28
N GLY D 205 9.45 -4.01 30.92
CA GLY D 205 8.66 -4.87 31.79
C GLY D 205 7.23 -5.00 31.31
N ALA D 206 6.87 -4.20 30.31
CA ALA D 206 5.54 -4.26 29.72
C ALA D 206 5.48 -5.47 28.78
N THR D 207 4.39 -6.23 28.87
CA THR D 207 4.21 -7.43 28.02
C THR D 207 2.94 -7.30 27.20
N GLY D 208 3.03 -7.70 25.92
CA GLY D 208 1.89 -7.63 25.01
C GLY D 208 1.79 -8.82 24.08
CL CL E . -16.41 6.86 3.67
CL CL F . 6.41 -17.28 -3.69
CL CL G . -2.28 -7.90 16.55
#